data_6HIR
# 
_entry.id   6HIR 
# 
_audit_conform.dict_name       mmcif_pdbx.dic 
_audit_conform.dict_version    5.398 
_audit_conform.dict_location   http://mmcif.pdb.org/dictionaries/ascii/mmcif_pdbx.dic 
# 
loop_
_database_2.database_id 
_database_2.database_code 
_database_2.pdbx_database_accession 
_database_2.pdbx_DOI 
PDB   6HIR         pdb_00006hir 10.2210/pdb6hir/pdb 
WWPDB D_1000179833 ?            ?                   
# 
loop_
_pdbx_audit_revision_history.ordinal 
_pdbx_audit_revision_history.data_content_type 
_pdbx_audit_revision_history.major_revision 
_pdbx_audit_revision_history.minor_revision 
_pdbx_audit_revision_history.revision_date 
1 'Structure model' 1 0 1990-01-15 
2 'Structure model' 1 1 2008-03-25 
3 'Structure model' 1 2 2011-07-13 
4 'Structure model' 1 3 2017-11-29 
5 'Structure model' 1 4 2024-11-13 
# 
_pdbx_audit_revision_details.ordinal             1 
_pdbx_audit_revision_details.revision_ordinal    1 
_pdbx_audit_revision_details.data_content_type   'Structure model' 
_pdbx_audit_revision_details.provider            repository 
_pdbx_audit_revision_details.type                'Initial release' 
_pdbx_audit_revision_details.description         ? 
_pdbx_audit_revision_details.details             ? 
# 
loop_
_pdbx_audit_revision_group.ordinal 
_pdbx_audit_revision_group.revision_ordinal 
_pdbx_audit_revision_group.data_content_type 
_pdbx_audit_revision_group.group 
1 2 'Structure model' 'Version format compliance' 
2 3 'Structure model' 'Version format compliance' 
3 4 'Structure model' 'Derived calculations'      
4 4 'Structure model' Other                       
5 5 'Structure model' 'Data collection'           
6 5 'Structure model' 'Database references'       
7 5 'Structure model' 'Structure summary'         
# 
loop_
_pdbx_audit_revision_category.ordinal 
_pdbx_audit_revision_category.revision_ordinal 
_pdbx_audit_revision_category.data_content_type 
_pdbx_audit_revision_category.category 
1  4 'Structure model' pdbx_database_status      
2  4 'Structure model' pdbx_struct_assembly      
3  4 'Structure model' pdbx_struct_oper_list     
4  4 'Structure model' struct_conf               
5  5 'Structure model' chem_comp_atom            
6  5 'Structure model' chem_comp_bond            
7  5 'Structure model' database_2                
8  5 'Structure model' pdbx_entry_details        
9  5 'Structure model' pdbx_modification_feature 
10 5 'Structure model' struct_ref_seq_dif        
# 
loop_
_pdbx_audit_revision_item.ordinal 
_pdbx_audit_revision_item.revision_ordinal 
_pdbx_audit_revision_item.data_content_type 
_pdbx_audit_revision_item.item 
1 4 'Structure model' '_pdbx_database_status.process_site'  
2 5 'Structure model' '_database_2.pdbx_DOI'                
3 5 'Structure model' '_database_2.pdbx_database_accession' 
4 5 'Structure model' '_struct_ref_seq_dif.details'         
# 
_pdbx_database_status.status_code                     REL 
_pdbx_database_status.entry_id                        6HIR 
_pdbx_database_status.recvd_initial_deposition_date   1990-01-09 
_pdbx_database_status.deposit_site                    ? 
_pdbx_database_status.process_site                    BNL 
_pdbx_database_status.SG_entry                        . 
_pdbx_database_status.pdb_format_compatible           Y 
_pdbx_database_status.status_code_mr                  ? 
_pdbx_database_status.status_code_sf                  ? 
_pdbx_database_status.status_code_cs                  ? 
_pdbx_database_status.methods_development_category    ? 
_pdbx_database_status.status_code_nmr_data            ? 
# 
_pdbx_database_related.db_name        PDB 
_pdbx_database_related.db_id          4HIR 
_pdbx_database_related.details        . 
_pdbx_database_related.content_type   ensemble 
# 
loop_
_audit_author.name 
_audit_author.pdbx_ordinal 
'Clore, G.M.'      1 
'Gronenborn, A.M.' 2 
# 
_citation.id                        primary 
_citation.title                     
;Solution structure of recombinant hirudin and the Lys-47----Glu mutant: a nuclear magnetic resonance and hybrid distance geometry-dynamical simulated annealing study.
;
_citation.journal_abbrev            Biochemistry 
_citation.journal_volume            28 
_citation.page_first                2601 
_citation.page_last                 2617 
_citation.year                      1989 
_citation.journal_id_ASTM           BICHAW 
_citation.country                   US 
_citation.journal_id_ISSN           0006-2960 
_citation.journal_id_CSD            0033 
_citation.book_publisher            ? 
_citation.pdbx_database_id_PubMed   2567183 
_citation.pdbx_database_id_DOI      10.1021/bi00432a038 
# 
loop_
_citation_author.citation_id 
_citation_author.name 
_citation_author.ordinal 
_citation_author.identifier_ORCID 
primary 'Folkers, P.J.'    1 ? 
primary 'Clore, G.M.'      2 ? 
primary 'Driscoll, P.C.'   3 ? 
primary 'Dodt, J.'         4 ? 
primary 'Kohler, S.'       5 ? 
primary 'Gronenborn, A.M.' 6 ? 
# 
_entity.id                         1 
_entity.type                       polymer 
_entity.src_method                 man 
_entity.pdbx_description           'HIRUDIN VARIANT-1' 
_entity.formula_weight             6973.439 
_entity.pdbx_number_of_molecules   1 
_entity.pdbx_ec                    ? 
_entity.pdbx_mutation              ? 
_entity.pdbx_fragment              ? 
_entity.details                    ? 
# 
_entity_poly.entity_id                      1 
_entity_poly.type                           'polypeptide(L)' 
_entity_poly.nstd_linkage                   no 
_entity_poly.nstd_monomer                   no 
_entity_poly.pdbx_seq_one_letter_code       VVYTDCTESGQNLCLCEGSNVCGQGNKCILGSDGEKNQCVTGEGTPEPQSHNDGDFEEIPEEYLQ 
_entity_poly.pdbx_seq_one_letter_code_can   VVYTDCTESGQNLCLCEGSNVCGQGNKCILGSDGEKNQCVTGEGTPEPQSHNDGDFEEIPEEYLQ 
_entity_poly.pdbx_strand_id                 A 
_entity_poly.pdbx_target_identifier         ? 
# 
loop_
_entity_poly_seq.entity_id 
_entity_poly_seq.num 
_entity_poly_seq.mon_id 
_entity_poly_seq.hetero 
1 1  VAL n 
1 2  VAL n 
1 3  TYR n 
1 4  THR n 
1 5  ASP n 
1 6  CYS n 
1 7  THR n 
1 8  GLU n 
1 9  SER n 
1 10 GLY n 
1 11 GLN n 
1 12 ASN n 
1 13 LEU n 
1 14 CYS n 
1 15 LEU n 
1 16 CYS n 
1 17 GLU n 
1 18 GLY n 
1 19 SER n 
1 20 ASN n 
1 21 VAL n 
1 22 CYS n 
1 23 GLY n 
1 24 GLN n 
1 25 GLY n 
1 26 ASN n 
1 27 LYS n 
1 28 CYS n 
1 29 ILE n 
1 30 LEU n 
1 31 GLY n 
1 32 SER n 
1 33 ASP n 
1 34 GLY n 
1 35 GLU n 
1 36 LYS n 
1 37 ASN n 
1 38 GLN n 
1 39 CYS n 
1 40 VAL n 
1 41 THR n 
1 42 GLY n 
1 43 GLU n 
1 44 GLY n 
1 45 THR n 
1 46 PRO n 
1 47 GLU n 
1 48 PRO n 
1 49 GLN n 
1 50 SER n 
1 51 HIS n 
1 52 ASN n 
1 53 ASP n 
1 54 GLY n 
1 55 ASP n 
1 56 PHE n 
1 57 GLU n 
1 58 GLU n 
1 59 ILE n 
1 60 PRO n 
1 61 GLU n 
1 62 GLU n 
1 63 TYR n 
1 64 LEU n 
1 65 GLN n 
# 
_entity_src_gen.entity_id                          1 
_entity_src_gen.pdbx_src_id                        1 
_entity_src_gen.pdbx_alt_source_flag               sample 
_entity_src_gen.pdbx_seq_type                      ? 
_entity_src_gen.pdbx_beg_seq_num                   ? 
_entity_src_gen.pdbx_end_seq_num                   ? 
_entity_src_gen.gene_src_common_name               'medicinal leech' 
_entity_src_gen.gene_src_genus                     Hirudo 
_entity_src_gen.pdbx_gene_src_gene                 ? 
_entity_src_gen.gene_src_species                   ? 
_entity_src_gen.gene_src_strain                    ? 
_entity_src_gen.gene_src_tissue                    ? 
_entity_src_gen.gene_src_tissue_fraction           ? 
_entity_src_gen.gene_src_details                   ? 
_entity_src_gen.pdbx_gene_src_fragment             ? 
_entity_src_gen.pdbx_gene_src_scientific_name      'Hirudo medicinalis' 
_entity_src_gen.pdbx_gene_src_ncbi_taxonomy_id     6421 
_entity_src_gen.pdbx_gene_src_variant              ? 
_entity_src_gen.pdbx_gene_src_cell_line            ? 
_entity_src_gen.pdbx_gene_src_atcc                 ? 
_entity_src_gen.pdbx_gene_src_organ                ? 
_entity_src_gen.pdbx_gene_src_organelle            ? 
_entity_src_gen.pdbx_gene_src_cell                 ? 
_entity_src_gen.pdbx_gene_src_cellular_location    ? 
_entity_src_gen.host_org_common_name               ? 
_entity_src_gen.pdbx_host_org_scientific_name      ? 
_entity_src_gen.pdbx_host_org_ncbi_taxonomy_id     ? 
_entity_src_gen.host_org_genus                     ? 
_entity_src_gen.pdbx_host_org_gene                 ? 
_entity_src_gen.pdbx_host_org_organ                ? 
_entity_src_gen.host_org_species                   ? 
_entity_src_gen.pdbx_host_org_tissue               ? 
_entity_src_gen.pdbx_host_org_tissue_fraction      ? 
_entity_src_gen.pdbx_host_org_strain               ? 
_entity_src_gen.pdbx_host_org_variant              ? 
_entity_src_gen.pdbx_host_org_cell_line            ? 
_entity_src_gen.pdbx_host_org_atcc                 ? 
_entity_src_gen.pdbx_host_org_culture_collection   ? 
_entity_src_gen.pdbx_host_org_cell                 ? 
_entity_src_gen.pdbx_host_org_organelle            ? 
_entity_src_gen.pdbx_host_org_cellular_location    ? 
_entity_src_gen.pdbx_host_org_vector_type          ? 
_entity_src_gen.pdbx_host_org_vector               ? 
_entity_src_gen.host_org_details                   ? 
_entity_src_gen.expression_system_id               ? 
_entity_src_gen.plasmid_name                       ? 
_entity_src_gen.plasmid_details                    ? 
_entity_src_gen.pdbx_description                   ? 
# 
loop_
_chem_comp.id 
_chem_comp.type 
_chem_comp.mon_nstd_flag 
_chem_comp.name 
_chem_comp.pdbx_synonyms 
_chem_comp.formula 
_chem_comp.formula_weight 
ASN 'L-peptide linking' y ASPARAGINE      ? 'C4 H8 N2 O3'    132.118 
ASP 'L-peptide linking' y 'ASPARTIC ACID' ? 'C4 H7 N O4'     133.103 
CYS 'L-peptide linking' y CYSTEINE        ? 'C3 H7 N O2 S'   121.158 
GLN 'L-peptide linking' y GLUTAMINE       ? 'C5 H10 N2 O3'   146.144 
GLU 'L-peptide linking' y 'GLUTAMIC ACID' ? 'C5 H9 N O4'     147.129 
GLY 'peptide linking'   y GLYCINE         ? 'C2 H5 N O2'     75.067  
HIS 'L-peptide linking' y HISTIDINE       ? 'C6 H10 N3 O2 1' 156.162 
ILE 'L-peptide linking' y ISOLEUCINE      ? 'C6 H13 N O2'    131.173 
LEU 'L-peptide linking' y LEUCINE         ? 'C6 H13 N O2'    131.173 
LYS 'L-peptide linking' y LYSINE          ? 'C6 H15 N2 O2 1' 147.195 
PHE 'L-peptide linking' y PHENYLALANINE   ? 'C9 H11 N O2'    165.189 
PRO 'L-peptide linking' y PROLINE         ? 'C5 H9 N O2'     115.130 
SER 'L-peptide linking' y SERINE          ? 'C3 H7 N O3'     105.093 
THR 'L-peptide linking' y THREONINE       ? 'C4 H9 N O3'     119.119 
TYR 'L-peptide linking' y TYROSINE        ? 'C9 H11 N O3'    181.189 
VAL 'L-peptide linking' y VALINE          ? 'C5 H11 N O2'    117.146 
# 
loop_
_pdbx_poly_seq_scheme.asym_id 
_pdbx_poly_seq_scheme.entity_id 
_pdbx_poly_seq_scheme.seq_id 
_pdbx_poly_seq_scheme.mon_id 
_pdbx_poly_seq_scheme.ndb_seq_num 
_pdbx_poly_seq_scheme.pdb_seq_num 
_pdbx_poly_seq_scheme.auth_seq_num 
_pdbx_poly_seq_scheme.pdb_mon_id 
_pdbx_poly_seq_scheme.auth_mon_id 
_pdbx_poly_seq_scheme.pdb_strand_id 
_pdbx_poly_seq_scheme.pdb_ins_code 
_pdbx_poly_seq_scheme.hetero 
A 1 1  VAL 1  1  1  VAL VAL A . n 
A 1 2  VAL 2  2  2  VAL VAL A . n 
A 1 3  TYR 3  3  3  TYR TYR A . n 
A 1 4  THR 4  4  4  THR THR A . n 
A 1 5  ASP 5  5  5  ASP ASP A . n 
A 1 6  CYS 6  6  6  CYS CYS A . n 
A 1 7  THR 7  7  7  THR THR A . n 
A 1 8  GLU 8  8  8  GLU GLU A . n 
A 1 9  SER 9  9  9  SER SER A . n 
A 1 10 GLY 10 10 10 GLY GLY A . n 
A 1 11 GLN 11 11 11 GLN GLN A . n 
A 1 12 ASN 12 12 12 ASN ASN A . n 
A 1 13 LEU 13 13 13 LEU LEU A . n 
A 1 14 CYS 14 14 14 CYS CYS A . n 
A 1 15 LEU 15 15 15 LEU LEU A . n 
A 1 16 CYS 16 16 16 CYS CYS A . n 
A 1 17 GLU 17 17 17 GLU GLU A . n 
A 1 18 GLY 18 18 18 GLY GLY A . n 
A 1 19 SER 19 19 19 SER SER A . n 
A 1 20 ASN 20 20 20 ASN ASN A . n 
A 1 21 VAL 21 21 21 VAL VAL A . n 
A 1 22 CYS 22 22 22 CYS CYS A . n 
A 1 23 GLY 23 23 23 GLY GLY A . n 
A 1 24 GLN 24 24 24 GLN GLN A . n 
A 1 25 GLY 25 25 25 GLY GLY A . n 
A 1 26 ASN 26 26 26 ASN ASN A . n 
A 1 27 LYS 27 27 27 LYS LYS A . n 
A 1 28 CYS 28 28 28 CYS CYS A . n 
A 1 29 ILE 29 29 29 ILE ILE A . n 
A 1 30 LEU 30 30 30 LEU LEU A . n 
A 1 31 GLY 31 31 31 GLY GLY A . n 
A 1 32 SER 32 32 32 SER SER A . n 
A 1 33 ASP 33 33 33 ASP ASP A . n 
A 1 34 GLY 34 34 34 GLY GLY A . n 
A 1 35 GLU 35 35 35 GLU GLU A . n 
A 1 36 LYS 36 36 36 LYS LYS A . n 
A 1 37 ASN 37 37 37 ASN ASN A . n 
A 1 38 GLN 38 38 38 GLN GLN A . n 
A 1 39 CYS 39 39 39 CYS CYS A . n 
A 1 40 VAL 40 40 40 VAL VAL A . n 
A 1 41 THR 41 41 41 THR THR A . n 
A 1 42 GLY 42 42 42 GLY GLY A . n 
A 1 43 GLU 43 43 43 GLU GLU A . n 
A 1 44 GLY 44 44 44 GLY GLY A . n 
A 1 45 THR 45 45 45 THR THR A . n 
A 1 46 PRO 46 46 46 PRO PRO A . n 
A 1 47 GLU 47 47 47 GLU GLU A . n 
A 1 48 PRO 48 48 48 PRO PRO A . n 
A 1 49 GLN 49 49 49 GLN GLN A . n 
A 1 50 SER 50 50 ?  ?   ?   A . n 
A 1 51 HIS 51 51 ?  ?   ?   A . n 
A 1 52 ASN 52 52 ?  ?   ?   A . n 
A 1 53 ASP 53 53 ?  ?   ?   A . n 
A 1 54 GLY 54 54 ?  ?   ?   A . n 
A 1 55 ASP 55 55 ?  ?   ?   A . n 
A 1 56 PHE 56 56 ?  ?   ?   A . n 
A 1 57 GLU 57 57 ?  ?   ?   A . n 
A 1 58 GLU 58 58 ?  ?   ?   A . n 
A 1 59 ILE 59 59 ?  ?   ?   A . n 
A 1 60 PRO 60 60 ?  ?   ?   A . n 
A 1 61 GLU 61 61 ?  ?   ?   A . n 
A 1 62 GLU 62 62 ?  ?   ?   A . n 
A 1 63 TYR 63 63 ?  ?   ?   A . n 
A 1 64 LEU 64 64 ?  ?   ?   A . n 
A 1 65 GLN 65 65 ?  ?   ?   A . n 
# 
loop_
_software.name 
_software.classification 
_software.version 
_software.citation_id 
_software.pdbx_ordinal 
X-PLOR 'model building' . ? 1 
X-PLOR refinement       . ? 2 
X-PLOR phasing          . ? 3 
# 
_cell.entry_id           6HIR 
_cell.length_a           1.000 
_cell.length_b           1.000 
_cell.length_c           1.000 
_cell.angle_alpha        90.00 
_cell.angle_beta         90.00 
_cell.angle_gamma        90.00 
_cell.Z_PDB              1 
_cell.pdbx_unique_axis   ? 
# 
_symmetry.entry_id                         6HIR 
_symmetry.space_group_name_H-M             'P 1' 
_symmetry.pdbx_full_space_group_name_H-M   ? 
_symmetry.cell_setting                     ? 
_symmetry.Int_Tables_number                1 
# 
_exptl.entry_id          6HIR 
_exptl.method            'SOLUTION NMR' 
_exptl.crystals_number   ? 
# 
_struct.entry_id                  6HIR 
_struct.title                     
;SOLUTION STRUCTURE OF RECOMBINANT HIRUDIN AND THE LYS-47 (RIGHT ARROW) GLU MUTANT. A NUCLEAR MAGNETIC RESONANCE AND HYBRID DISTANCE GEOMETRY-DYNAMICAL SIMULATED ANNEALING STUDY
;
_struct.pdbx_model_details        ? 
_struct.pdbx_CASP_flag            ? 
_struct.pdbx_model_type_details   ? 
# 
_struct_keywords.entry_id        6HIR 
_struct_keywords.pdbx_keywords   'COAGULATION INHIBITOR' 
_struct_keywords.text            'COAGULATION INHIBITOR' 
# 
_struct_asym.id                            A 
_struct_asym.pdbx_blank_PDB_chainid_flag   Y 
_struct_asym.pdbx_modified                 N 
_struct_asym.entity_id                     1 
_struct_asym.details                       ? 
# 
_struct_ref.id                         1 
_struct_ref.db_name                    UNP 
_struct_ref.db_code                    ITH1_HIRME 
_struct_ref.entity_id                  1 
_struct_ref.pdbx_db_accession          P01050 
_struct_ref.pdbx_align_begin           1 
_struct_ref.pdbx_seq_one_letter_code   VVYTDCTESGQNLCLCEGSNVCGQGNKCILGSDGEKNQCVTGEGTPKPQSHNDGDFEEIPEEYLQ 
_struct_ref.pdbx_db_isoform            ? 
# 
_struct_ref_seq.align_id                      1 
_struct_ref_seq.ref_id                        1 
_struct_ref_seq.pdbx_PDB_id_code              6HIR 
_struct_ref_seq.pdbx_strand_id                A 
_struct_ref_seq.seq_align_beg                 1 
_struct_ref_seq.pdbx_seq_align_beg_ins_code   ? 
_struct_ref_seq.seq_align_end                 65 
_struct_ref_seq.pdbx_seq_align_end_ins_code   ? 
_struct_ref_seq.pdbx_db_accession             P01050 
_struct_ref_seq.db_align_beg                  1 
_struct_ref_seq.pdbx_db_align_beg_ins_code    ? 
_struct_ref_seq.db_align_end                  65 
_struct_ref_seq.pdbx_db_align_end_ins_code    ? 
_struct_ref_seq.pdbx_auth_seq_align_beg       1 
_struct_ref_seq.pdbx_auth_seq_align_end       65 
# 
_struct_ref_seq_dif.align_id                     1 
_struct_ref_seq_dif.pdbx_pdb_id_code             6HIR 
_struct_ref_seq_dif.mon_id                       GLU 
_struct_ref_seq_dif.pdbx_pdb_strand_id           A 
_struct_ref_seq_dif.seq_num                      47 
_struct_ref_seq_dif.pdbx_pdb_ins_code            ? 
_struct_ref_seq_dif.pdbx_seq_db_name             UNP 
_struct_ref_seq_dif.pdbx_seq_db_accession_code   P01050 
_struct_ref_seq_dif.db_mon_id                    LYS 
_struct_ref_seq_dif.pdbx_seq_db_seq_num          47 
_struct_ref_seq_dif.details                      conflict 
_struct_ref_seq_dif.pdbx_auth_seq_num            47 
_struct_ref_seq_dif.pdbx_ordinal                 1 
# 
_pdbx_struct_assembly.id                   1 
_pdbx_struct_assembly.details              author_defined_assembly 
_pdbx_struct_assembly.method_details       ? 
_pdbx_struct_assembly.oligomeric_details   monomeric 
_pdbx_struct_assembly.oligomeric_count     1 
# 
_pdbx_struct_assembly_gen.assembly_id       1 
_pdbx_struct_assembly_gen.oper_expression   1 
_pdbx_struct_assembly_gen.asym_id_list      A 
# 
_pdbx_struct_oper_list.id                   1 
_pdbx_struct_oper_list.type                 'identity operation' 
_pdbx_struct_oper_list.name                 1_555 
_pdbx_struct_oper_list.symmetry_operation   ? 
_pdbx_struct_oper_list.matrix[1][1]         1.0000000000 
_pdbx_struct_oper_list.matrix[1][2]         0.0000000000 
_pdbx_struct_oper_list.matrix[1][3]         0.0000000000 
_pdbx_struct_oper_list.vector[1]            0.0000000000 
_pdbx_struct_oper_list.matrix[2][1]         0.0000000000 
_pdbx_struct_oper_list.matrix[2][2]         1.0000000000 
_pdbx_struct_oper_list.matrix[2][3]         0.0000000000 
_pdbx_struct_oper_list.vector[2]            0.0000000000 
_pdbx_struct_oper_list.matrix[3][1]         0.0000000000 
_pdbx_struct_oper_list.matrix[3][2]         0.0000000000 
_pdbx_struct_oper_list.matrix[3][3]         1.0000000000 
_pdbx_struct_oper_list.vector[3]            0.0000000000 
# 
_struct_biol.id   1 
# 
loop_
_struct_conn.id 
_struct_conn.conn_type_id 
_struct_conn.pdbx_leaving_atom_flag 
_struct_conn.pdbx_PDB_id 
_struct_conn.ptnr1_label_asym_id 
_struct_conn.ptnr1_label_comp_id 
_struct_conn.ptnr1_label_seq_id 
_struct_conn.ptnr1_label_atom_id 
_struct_conn.pdbx_ptnr1_label_alt_id 
_struct_conn.pdbx_ptnr1_PDB_ins_code 
_struct_conn.pdbx_ptnr1_standard_comp_id 
_struct_conn.ptnr1_symmetry 
_struct_conn.ptnr2_label_asym_id 
_struct_conn.ptnr2_label_comp_id 
_struct_conn.ptnr2_label_seq_id 
_struct_conn.ptnr2_label_atom_id 
_struct_conn.pdbx_ptnr2_label_alt_id 
_struct_conn.pdbx_ptnr2_PDB_ins_code 
_struct_conn.ptnr1_auth_asym_id 
_struct_conn.ptnr1_auth_comp_id 
_struct_conn.ptnr1_auth_seq_id 
_struct_conn.ptnr2_auth_asym_id 
_struct_conn.ptnr2_auth_comp_id 
_struct_conn.ptnr2_auth_seq_id 
_struct_conn.ptnr2_symmetry 
_struct_conn.pdbx_ptnr3_label_atom_id 
_struct_conn.pdbx_ptnr3_label_seq_id 
_struct_conn.pdbx_ptnr3_label_comp_id 
_struct_conn.pdbx_ptnr3_label_asym_id 
_struct_conn.pdbx_ptnr3_label_alt_id 
_struct_conn.pdbx_ptnr3_PDB_ins_code 
_struct_conn.details 
_struct_conn.pdbx_dist_value 
_struct_conn.pdbx_value_order 
_struct_conn.pdbx_role 
disulf1 disulf ? ? A CYS 6  SG ? ? ? 1_555 A CYS 14 SG ? ? A CYS 6  A CYS 14 1_555 ? ? ? ? ? ? ? 2.018 ? ? 
disulf2 disulf ? ? A CYS 16 SG ? ? ? 1_555 A CYS 28 SG ? ? A CYS 16 A CYS 28 1_555 ? ? ? ? ? ? ? 2.017 ? ? 
disulf3 disulf ? ? A CYS 22 SG ? ? ? 1_555 A CYS 39 SG ? ? A CYS 22 A CYS 39 1_555 ? ? ? ? ? ? ? 2.022 ? ? 
# 
_struct_conn_type.id          disulf 
_struct_conn_type.criteria    ? 
_struct_conn_type.reference   ? 
# 
loop_
_pdbx_modification_feature.ordinal 
_pdbx_modification_feature.label_comp_id 
_pdbx_modification_feature.label_asym_id 
_pdbx_modification_feature.label_seq_id 
_pdbx_modification_feature.label_alt_id 
_pdbx_modification_feature.modified_residue_label_comp_id 
_pdbx_modification_feature.modified_residue_label_asym_id 
_pdbx_modification_feature.modified_residue_label_seq_id 
_pdbx_modification_feature.modified_residue_label_alt_id 
_pdbx_modification_feature.auth_comp_id 
_pdbx_modification_feature.auth_asym_id 
_pdbx_modification_feature.auth_seq_id 
_pdbx_modification_feature.PDB_ins_code 
_pdbx_modification_feature.symmetry 
_pdbx_modification_feature.modified_residue_auth_comp_id 
_pdbx_modification_feature.modified_residue_auth_asym_id 
_pdbx_modification_feature.modified_residue_auth_seq_id 
_pdbx_modification_feature.modified_residue_PDB_ins_code 
_pdbx_modification_feature.modified_residue_symmetry 
_pdbx_modification_feature.comp_id_linking_atom 
_pdbx_modification_feature.modified_residue_id_linking_atom 
_pdbx_modification_feature.modified_residue_id 
_pdbx_modification_feature.ref_pcm_id 
_pdbx_modification_feature.ref_comp_id 
_pdbx_modification_feature.type 
_pdbx_modification_feature.category 
1 CYS A 6  ? CYS A 14 ? CYS A 6  ? 1_555 CYS A 14 ? 1_555 SG SG . . . None 'Disulfide bridge' 
2 CYS A 16 ? CYS A 28 ? CYS A 16 ? 1_555 CYS A 28 ? 1_555 SG SG . . . None 'Disulfide bridge' 
3 CYS A 22 ? CYS A 39 ? CYS A 22 ? 1_555 CYS A 39 ? 1_555 SG SG . . . None 'Disulfide bridge' 
# 
loop_
_struct_sheet.id 
_struct_sheet.type 
_struct_sheet.number_strands 
_struct_sheet.details 
A ? 3 ? 
B ? 2 ? 
# 
loop_
_struct_sheet_order.sheet_id 
_struct_sheet_order.range_id_1 
_struct_sheet_order.range_id_2 
_struct_sheet_order.offset 
_struct_sheet_order.sense 
A 1 2 ? anti-parallel 
A 2 3 ? anti-parallel 
B 1 2 ? anti-parallel 
# 
loop_
_struct_sheet_range.sheet_id 
_struct_sheet_range.id 
_struct_sheet_range.beg_label_comp_id 
_struct_sheet_range.beg_label_asym_id 
_struct_sheet_range.beg_label_seq_id 
_struct_sheet_range.pdbx_beg_PDB_ins_code 
_struct_sheet_range.end_label_comp_id 
_struct_sheet_range.end_label_asym_id 
_struct_sheet_range.end_label_seq_id 
_struct_sheet_range.pdbx_end_PDB_ins_code 
_struct_sheet_range.beg_auth_comp_id 
_struct_sheet_range.beg_auth_asym_id 
_struct_sheet_range.beg_auth_seq_id 
_struct_sheet_range.end_auth_comp_id 
_struct_sheet_range.end_auth_asym_id 
_struct_sheet_range.end_auth_seq_id 
A 1 SER A 9  ? GLN A 11 ? SER A 9  GLN A 11 
A 2 LYS A 27 ? GLY A 31 ? LYS A 27 GLY A 31 
A 3 LYS A 36 ? VAL A 40 ? LYS A 36 VAL A 40 
B 1 CYS A 14 ? CYS A 16 ? CYS A 14 CYS A 16 
B 2 VAL A 21 ? CYS A 22 ? VAL A 21 CYS A 22 
# 
_pdbx_entry_details.entry_id                   6HIR 
_pdbx_entry_details.compound_details           ? 
_pdbx_entry_details.source_details             ? 
_pdbx_entry_details.nonpolymer_details         ? 
_pdbx_entry_details.sequence_details           ? 
_pdbx_entry_details.has_ligand_of_interest     ? 
_pdbx_entry_details.has_protein_modification   Y 
# 
loop_
_pdbx_validate_torsion.id 
_pdbx_validate_torsion.PDB_model_num 
_pdbx_validate_torsion.auth_comp_id 
_pdbx_validate_torsion.auth_asym_id 
_pdbx_validate_torsion.auth_seq_id 
_pdbx_validate_torsion.PDB_ins_code 
_pdbx_validate_torsion.label_alt_id 
_pdbx_validate_torsion.phi 
_pdbx_validate_torsion.psi 
1 1 THR A 7  ? ? -141.00 -11.45  
2 1 GLN A 11 ? ? -54.21  -171.30 
3 1 ASN A 12 ? ? -149.07 -69.72  
4 1 CYS A 14 ? ? -160.35 -150.93 
5 1 GLN A 24 ? ? -37.63  132.43  
6 1 LEU A 30 ? ? -79.01  -168.89 
7 1 SER A 32 ? ? -67.77  -91.06  
8 1 PRO A 46 ? ? -54.95  -174.15 
9 1 PRO A 48 ? ? -60.38  -168.88 
# 
_pdbx_nmr_ensemble.entry_id                             6HIR 
_pdbx_nmr_ensemble.conformers_calculated_total_number   ? 
_pdbx_nmr_ensemble.conformers_submitted_total_number    1 
_pdbx_nmr_ensemble.conformer_selection_criteria         ? 
# 
_pdbx_nmr_refine.entry_id           6HIR 
_pdbx_nmr_refine.method             ? 
_pdbx_nmr_refine.details            
;THE METHOD USED TO DETERMINE AND REFINE THE
 STRUCTURE IS THE HYBRID METRIC MATRIX DISTANCE
 GEOMETRY-DYNAMICAL SIMULATED ANNEALING METHOD
 (M.NILGES, G.M.CLORE, A.M. GRONENBORN, FEBS LETT. 229,
 317-324 (1988)) USING THE PROGRAM XPLOR (A.T. BRUENGER,
 YALE UNIVERSITY, CT 06511).

 STRUCTURAL STATISTICS

 RMS DEVIATION FROM EXPERIMENTAL RESTRAINTS *(1)*

 RESTRAINT TYPE      NUMBER OF RESTRAINTS   RMS (ANGSTROMS)

 ALL                 677                    0.071
 INTERRESIDUE
  SHORT RANGE        234                    0.083
 INTERRESIDUE
  LONG RANGE         199                    0.068
 INTRARESIDUE        228                    0.062
 HBOND *(2)*          16                    0.039

 POTENTIAL ENERGY TERMS

 TYPE                 ENERGY (KCAL/MOL)

 F(NOE) *(3)*         170
 F(TOR) *(4)*          16
 F(REPEL) *(5)*        49

 LENNARD-JONES VAN DER WAALS ENERGY (E(L-J)) CALCULATED
 USING THE *CHARMM* EMPIRICAL ENERGY FUNCTION IS
 -73 KCAL/MOL.

 DEVIATIONS FROM IDEALIZED GEOMETRY *(6)*

 TYPE             TOTAL NUMBER        RMS DEVIATION

 BONDS             669                0.011 (ANGSTROMS)
 ANGLES           1208                3.177 (DEGREES)
 IMPROPERS         132                0.419 (DEGREES)

 NOTES.
 *(1)*  THE RMS DEVIATION FROM THE EXPERIMENTAL RESTRAINTS
        ARE CALCULATED WITH RESPECT TO THE UPPER AND
        LOWER LIMITS OF THE DISTANCE RESTRAINTS.  NONE OF
        THE STRUCTURES EXHIBITED VIOLATIONS GREATER THAN
        0.5 ANGSTROMS.
 *(2)*  FOR EACH BACKBONE HYDROGEN BOND THERE ARE TWO
        RESTRAINTS - R(NH-O) .LT. 2.3 ANGSTROMS AND
        R(N-O) .LT. 3.3 ANGSTROMS.  THE LOWER LIMITS
        ARE GIVEN BY THE SUM OF THE VAN DER WAALS RADII
        OF THE RELEVANT ATOMS.
 *(3)*  THE VALUES OF THE SQUARE-WELL NOE POTENTIAL
        F(NOE) ARE CALCULATED WITH A FORCE CONSTANT OF
        50 KCAL/MOL/ANGSTROM**2.
 *(4)*  THE VALUES OF F(PHI) ARE CALCULATED WITH A FORCE
        CONSTANT OF 200 KCAL/MOL/RAD**2. F(PHI) IS A
        SQUARE-WELL DIHEDRAL POTENTIAL WHICH IS USED TO
        RESTRICT THE RANGES OF 26 PHI AND 18 CHI1 TORSION
        ANGLES.
 *(5)*  THE VALUE OF THE VAN DER WAALS REPULSION TERM
        F(REPEL) IS CALCULATED WITH A FORCE CONSTANT OF
        4 KCAL/MOL/ANGSTROM**4 WITH THE HARD SPHERE
        VAN DER WAALS RADII SET TO 0.8 TIMES THE STANDARD
        VALUES USED IN THE *CHARMM* EMPIRICAL ENERGY
        FUNCTION.
 *(6)*  THE IMPROPER TERMS SERVE TO MAINTAIN PLANARITY
        AND APPROPRIATE CHIRALITY.  THEY ALSO MAINTAIN THE
        PEPTIDE BONDS OF ALL RESIDUES (WITH THE EXCEPTION
        OF PROLINES) IN THE TRANS CONFORMATION.  IN THE
        DYNAMICAL SIMULATED ANNEALING CALCULATIONS, THE
        RESTRAINTS FOR THE DISULFIDE BRIDGES ARE INCLUDED
        IN THE BOND AND ANGLE TERMS.

A TOTAL OF 32 STRUCTURES CONSISTENT WITH THE NMR DATA
WERE CALCULATED.  THIS ENTRY REPRESENTS THE COORDINATES
OBTAINED BY AVERAGING THE COORDINATES OF THE INDIVIDUAL
STRUCTURES AND SUBJECTING THE RESULTING COORDINATES TO
FURTHER RESTRAINED MINIMIZATION.  THE COORDINATES OF THESE
32 STRUCTURES ARE GIVEN IN PROTEIN DATA BANK ENTRY *4HIR*.

THE THERMAL PARAMETERS GIVEN IN THIS ENTRY REPRESENT THE
ATOMIC RMS DEVIATION OF THE INDIVIDUAL STRUCTURES ABOUT
THE MEAN COORDINATE POSITIONS.

ONLY RESIDUES 1-49 ARE WELL DEFINED.  RESIDUES 50-65 FORM
A DISORDERED C-TERMINAL TAIL.
;
_pdbx_nmr_refine.software_ordinal   1 
# 
_pdbx_nmr_software.classification   refinement 
_pdbx_nmr_software.name             X-PLOR 
_pdbx_nmr_software.version          ? 
_pdbx_nmr_software.authors          BRUNGER 
_pdbx_nmr_software.ordinal          1 
# 
loop_
_pdbx_unobs_or_zero_occ_residues.id 
_pdbx_unobs_or_zero_occ_residues.PDB_model_num 
_pdbx_unobs_or_zero_occ_residues.polymer_flag 
_pdbx_unobs_or_zero_occ_residues.occupancy_flag 
_pdbx_unobs_or_zero_occ_residues.auth_asym_id 
_pdbx_unobs_or_zero_occ_residues.auth_comp_id 
_pdbx_unobs_or_zero_occ_residues.auth_seq_id 
_pdbx_unobs_or_zero_occ_residues.PDB_ins_code 
_pdbx_unobs_or_zero_occ_residues.label_asym_id 
_pdbx_unobs_or_zero_occ_residues.label_comp_id 
_pdbx_unobs_or_zero_occ_residues.label_seq_id 
1  1 Y 1 A SER 50 ? A SER 50 
2  1 Y 1 A HIS 51 ? A HIS 51 
3  1 Y 1 A ASN 52 ? A ASN 52 
4  1 Y 1 A ASP 53 ? A ASP 53 
5  1 Y 1 A GLY 54 ? A GLY 54 
6  1 Y 1 A ASP 55 ? A ASP 55 
7  1 Y 1 A PHE 56 ? A PHE 56 
8  1 Y 1 A GLU 57 ? A GLU 57 
9  1 Y 1 A GLU 58 ? A GLU 58 
10 1 Y 1 A ILE 59 ? A ILE 59 
11 1 Y 1 A PRO 60 ? A PRO 60 
12 1 Y 1 A GLU 61 ? A GLU 61 
13 1 Y 1 A GLU 62 ? A GLU 62 
14 1 Y 1 A TYR 63 ? A TYR 63 
15 1 Y 1 A LEU 64 ? A LEU 64 
16 1 Y 1 A GLN 65 ? A GLN 65 
# 
loop_
_chem_comp_atom.comp_id 
_chem_comp_atom.atom_id 
_chem_comp_atom.type_symbol 
_chem_comp_atom.pdbx_aromatic_flag 
_chem_comp_atom.pdbx_stereo_config 
_chem_comp_atom.pdbx_ordinal 
ASN N    N N N 1   
ASN CA   C N S 2   
ASN C    C N N 3   
ASN O    O N N 4   
ASN CB   C N N 5   
ASN CG   C N N 6   
ASN OD1  O N N 7   
ASN ND2  N N N 8   
ASN OXT  O N N 9   
ASN H    H N N 10  
ASN H2   H N N 11  
ASN HA   H N N 12  
ASN HB2  H N N 13  
ASN HB3  H N N 14  
ASN HD21 H N N 15  
ASN HD22 H N N 16  
ASN HXT  H N N 17  
ASP N    N N N 18  
ASP CA   C N S 19  
ASP C    C N N 20  
ASP O    O N N 21  
ASP CB   C N N 22  
ASP CG   C N N 23  
ASP OD1  O N N 24  
ASP OD2  O N N 25  
ASP OXT  O N N 26  
ASP H    H N N 27  
ASP H2   H N N 28  
ASP HA   H N N 29  
ASP HB2  H N N 30  
ASP HB3  H N N 31  
ASP HD2  H N N 32  
ASP HXT  H N N 33  
CYS N    N N N 34  
CYS CA   C N R 35  
CYS C    C N N 36  
CYS O    O N N 37  
CYS CB   C N N 38  
CYS SG   S N N 39  
CYS OXT  O N N 40  
CYS H    H N N 41  
CYS H2   H N N 42  
CYS HA   H N N 43  
CYS HB2  H N N 44  
CYS HB3  H N N 45  
CYS HG   H N N 46  
CYS HXT  H N N 47  
GLN N    N N N 48  
GLN CA   C N S 49  
GLN C    C N N 50  
GLN O    O N N 51  
GLN CB   C N N 52  
GLN CG   C N N 53  
GLN CD   C N N 54  
GLN OE1  O N N 55  
GLN NE2  N N N 56  
GLN OXT  O N N 57  
GLN H    H N N 58  
GLN H2   H N N 59  
GLN HA   H N N 60  
GLN HB2  H N N 61  
GLN HB3  H N N 62  
GLN HG2  H N N 63  
GLN HG3  H N N 64  
GLN HE21 H N N 65  
GLN HE22 H N N 66  
GLN HXT  H N N 67  
GLU N    N N N 68  
GLU CA   C N S 69  
GLU C    C N N 70  
GLU O    O N N 71  
GLU CB   C N N 72  
GLU CG   C N N 73  
GLU CD   C N N 74  
GLU OE1  O N N 75  
GLU OE2  O N N 76  
GLU OXT  O N N 77  
GLU H    H N N 78  
GLU H2   H N N 79  
GLU HA   H N N 80  
GLU HB2  H N N 81  
GLU HB3  H N N 82  
GLU HG2  H N N 83  
GLU HG3  H N N 84  
GLU HE2  H N N 85  
GLU HXT  H N N 86  
GLY N    N N N 87  
GLY CA   C N N 88  
GLY C    C N N 89  
GLY O    O N N 90  
GLY OXT  O N N 91  
GLY H    H N N 92  
GLY H2   H N N 93  
GLY HA2  H N N 94  
GLY HA3  H N N 95  
GLY HXT  H N N 96  
HIS N    N N N 97  
HIS CA   C N S 98  
HIS C    C N N 99  
HIS O    O N N 100 
HIS CB   C N N 101 
HIS CG   C Y N 102 
HIS ND1  N Y N 103 
HIS CD2  C Y N 104 
HIS CE1  C Y N 105 
HIS NE2  N Y N 106 
HIS OXT  O N N 107 
HIS H    H N N 108 
HIS H2   H N N 109 
HIS HA   H N N 110 
HIS HB2  H N N 111 
HIS HB3  H N N 112 
HIS HD1  H N N 113 
HIS HD2  H N N 114 
HIS HE1  H N N 115 
HIS HE2  H N N 116 
HIS HXT  H N N 117 
ILE N    N N N 118 
ILE CA   C N S 119 
ILE C    C N N 120 
ILE O    O N N 121 
ILE CB   C N S 122 
ILE CG1  C N N 123 
ILE CG2  C N N 124 
ILE CD1  C N N 125 
ILE OXT  O N N 126 
ILE H    H N N 127 
ILE H2   H N N 128 
ILE HA   H N N 129 
ILE HB   H N N 130 
ILE HG12 H N N 131 
ILE HG13 H N N 132 
ILE HG21 H N N 133 
ILE HG22 H N N 134 
ILE HG23 H N N 135 
ILE HD11 H N N 136 
ILE HD12 H N N 137 
ILE HD13 H N N 138 
ILE HXT  H N N 139 
LEU N    N N N 140 
LEU CA   C N S 141 
LEU C    C N N 142 
LEU O    O N N 143 
LEU CB   C N N 144 
LEU CG   C N N 145 
LEU CD1  C N N 146 
LEU CD2  C N N 147 
LEU OXT  O N N 148 
LEU H    H N N 149 
LEU H2   H N N 150 
LEU HA   H N N 151 
LEU HB2  H N N 152 
LEU HB3  H N N 153 
LEU HG   H N N 154 
LEU HD11 H N N 155 
LEU HD12 H N N 156 
LEU HD13 H N N 157 
LEU HD21 H N N 158 
LEU HD22 H N N 159 
LEU HD23 H N N 160 
LEU HXT  H N N 161 
LYS N    N N N 162 
LYS CA   C N S 163 
LYS C    C N N 164 
LYS O    O N N 165 
LYS CB   C N N 166 
LYS CG   C N N 167 
LYS CD   C N N 168 
LYS CE   C N N 169 
LYS NZ   N N N 170 
LYS OXT  O N N 171 
LYS H    H N N 172 
LYS H2   H N N 173 
LYS HA   H N N 174 
LYS HB2  H N N 175 
LYS HB3  H N N 176 
LYS HG2  H N N 177 
LYS HG3  H N N 178 
LYS HD2  H N N 179 
LYS HD3  H N N 180 
LYS HE2  H N N 181 
LYS HE3  H N N 182 
LYS HZ1  H N N 183 
LYS HZ2  H N N 184 
LYS HZ3  H N N 185 
LYS HXT  H N N 186 
PHE N    N N N 187 
PHE CA   C N S 188 
PHE C    C N N 189 
PHE O    O N N 190 
PHE CB   C N N 191 
PHE CG   C Y N 192 
PHE CD1  C Y N 193 
PHE CD2  C Y N 194 
PHE CE1  C Y N 195 
PHE CE2  C Y N 196 
PHE CZ   C Y N 197 
PHE OXT  O N N 198 
PHE H    H N N 199 
PHE H2   H N N 200 
PHE HA   H N N 201 
PHE HB2  H N N 202 
PHE HB3  H N N 203 
PHE HD1  H N N 204 
PHE HD2  H N N 205 
PHE HE1  H N N 206 
PHE HE2  H N N 207 
PHE HZ   H N N 208 
PHE HXT  H N N 209 
PRO N    N N N 210 
PRO CA   C N S 211 
PRO C    C N N 212 
PRO O    O N N 213 
PRO CB   C N N 214 
PRO CG   C N N 215 
PRO CD   C N N 216 
PRO OXT  O N N 217 
PRO H    H N N 218 
PRO HA   H N N 219 
PRO HB2  H N N 220 
PRO HB3  H N N 221 
PRO HG2  H N N 222 
PRO HG3  H N N 223 
PRO HD2  H N N 224 
PRO HD3  H N N 225 
PRO HXT  H N N 226 
SER N    N N N 227 
SER CA   C N S 228 
SER C    C N N 229 
SER O    O N N 230 
SER CB   C N N 231 
SER OG   O N N 232 
SER OXT  O N N 233 
SER H    H N N 234 
SER H2   H N N 235 
SER HA   H N N 236 
SER HB2  H N N 237 
SER HB3  H N N 238 
SER HG   H N N 239 
SER HXT  H N N 240 
THR N    N N N 241 
THR CA   C N S 242 
THR C    C N N 243 
THR O    O N N 244 
THR CB   C N R 245 
THR OG1  O N N 246 
THR CG2  C N N 247 
THR OXT  O N N 248 
THR H    H N N 249 
THR H2   H N N 250 
THR HA   H N N 251 
THR HB   H N N 252 
THR HG1  H N N 253 
THR HG21 H N N 254 
THR HG22 H N N 255 
THR HG23 H N N 256 
THR HXT  H N N 257 
TYR N    N N N 258 
TYR CA   C N S 259 
TYR C    C N N 260 
TYR O    O N N 261 
TYR CB   C N N 262 
TYR CG   C Y N 263 
TYR CD1  C Y N 264 
TYR CD2  C Y N 265 
TYR CE1  C Y N 266 
TYR CE2  C Y N 267 
TYR CZ   C Y N 268 
TYR OH   O N N 269 
TYR OXT  O N N 270 
TYR H    H N N 271 
TYR H2   H N N 272 
TYR HA   H N N 273 
TYR HB2  H N N 274 
TYR HB3  H N N 275 
TYR HD1  H N N 276 
TYR HD2  H N N 277 
TYR HE1  H N N 278 
TYR HE2  H N N 279 
TYR HH   H N N 280 
TYR HXT  H N N 281 
VAL N    N N N 282 
VAL CA   C N S 283 
VAL C    C N N 284 
VAL O    O N N 285 
VAL CB   C N N 286 
VAL CG1  C N N 287 
VAL CG2  C N N 288 
VAL OXT  O N N 289 
VAL H    H N N 290 
VAL H2   H N N 291 
VAL HA   H N N 292 
VAL HB   H N N 293 
VAL HG11 H N N 294 
VAL HG12 H N N 295 
VAL HG13 H N N 296 
VAL HG21 H N N 297 
VAL HG22 H N N 298 
VAL HG23 H N N 299 
VAL HXT  H N N 300 
# 
loop_
_chem_comp_bond.comp_id 
_chem_comp_bond.atom_id_1 
_chem_comp_bond.atom_id_2 
_chem_comp_bond.value_order 
_chem_comp_bond.pdbx_aromatic_flag 
_chem_comp_bond.pdbx_stereo_config 
_chem_comp_bond.pdbx_ordinal 
ASN N   CA   sing N N 1   
ASN N   H    sing N N 2   
ASN N   H2   sing N N 3   
ASN CA  C    sing N N 4   
ASN CA  CB   sing N N 5   
ASN CA  HA   sing N N 6   
ASN C   O    doub N N 7   
ASN C   OXT  sing N N 8   
ASN CB  CG   sing N N 9   
ASN CB  HB2  sing N N 10  
ASN CB  HB3  sing N N 11  
ASN CG  OD1  doub N N 12  
ASN CG  ND2  sing N N 13  
ASN ND2 HD21 sing N N 14  
ASN ND2 HD22 sing N N 15  
ASN OXT HXT  sing N N 16  
ASP N   CA   sing N N 17  
ASP N   H    sing N N 18  
ASP N   H2   sing N N 19  
ASP CA  C    sing N N 20  
ASP CA  CB   sing N N 21  
ASP CA  HA   sing N N 22  
ASP C   O    doub N N 23  
ASP C   OXT  sing N N 24  
ASP CB  CG   sing N N 25  
ASP CB  HB2  sing N N 26  
ASP CB  HB3  sing N N 27  
ASP CG  OD1  doub N N 28  
ASP CG  OD2  sing N N 29  
ASP OD2 HD2  sing N N 30  
ASP OXT HXT  sing N N 31  
CYS N   CA   sing N N 32  
CYS N   H    sing N N 33  
CYS N   H2   sing N N 34  
CYS CA  C    sing N N 35  
CYS CA  CB   sing N N 36  
CYS CA  HA   sing N N 37  
CYS C   O    doub N N 38  
CYS C   OXT  sing N N 39  
CYS CB  SG   sing N N 40  
CYS CB  HB2  sing N N 41  
CYS CB  HB3  sing N N 42  
CYS SG  HG   sing N N 43  
CYS OXT HXT  sing N N 44  
GLN N   CA   sing N N 45  
GLN N   H    sing N N 46  
GLN N   H2   sing N N 47  
GLN CA  C    sing N N 48  
GLN CA  CB   sing N N 49  
GLN CA  HA   sing N N 50  
GLN C   O    doub N N 51  
GLN C   OXT  sing N N 52  
GLN CB  CG   sing N N 53  
GLN CB  HB2  sing N N 54  
GLN CB  HB3  sing N N 55  
GLN CG  CD   sing N N 56  
GLN CG  HG2  sing N N 57  
GLN CG  HG3  sing N N 58  
GLN CD  OE1  doub N N 59  
GLN CD  NE2  sing N N 60  
GLN NE2 HE21 sing N N 61  
GLN NE2 HE22 sing N N 62  
GLN OXT HXT  sing N N 63  
GLU N   CA   sing N N 64  
GLU N   H    sing N N 65  
GLU N   H2   sing N N 66  
GLU CA  C    sing N N 67  
GLU CA  CB   sing N N 68  
GLU CA  HA   sing N N 69  
GLU C   O    doub N N 70  
GLU C   OXT  sing N N 71  
GLU CB  CG   sing N N 72  
GLU CB  HB2  sing N N 73  
GLU CB  HB3  sing N N 74  
GLU CG  CD   sing N N 75  
GLU CG  HG2  sing N N 76  
GLU CG  HG3  sing N N 77  
GLU CD  OE1  doub N N 78  
GLU CD  OE2  sing N N 79  
GLU OE2 HE2  sing N N 80  
GLU OXT HXT  sing N N 81  
GLY N   CA   sing N N 82  
GLY N   H    sing N N 83  
GLY N   H2   sing N N 84  
GLY CA  C    sing N N 85  
GLY CA  HA2  sing N N 86  
GLY CA  HA3  sing N N 87  
GLY C   O    doub N N 88  
GLY C   OXT  sing N N 89  
GLY OXT HXT  sing N N 90  
HIS N   CA   sing N N 91  
HIS N   H    sing N N 92  
HIS N   H2   sing N N 93  
HIS CA  C    sing N N 94  
HIS CA  CB   sing N N 95  
HIS CA  HA   sing N N 96  
HIS C   O    doub N N 97  
HIS C   OXT  sing N N 98  
HIS CB  CG   sing N N 99  
HIS CB  HB2  sing N N 100 
HIS CB  HB3  sing N N 101 
HIS CG  ND1  sing Y N 102 
HIS CG  CD2  doub Y N 103 
HIS ND1 CE1  doub Y N 104 
HIS ND1 HD1  sing N N 105 
HIS CD2 NE2  sing Y N 106 
HIS CD2 HD2  sing N N 107 
HIS CE1 NE2  sing Y N 108 
HIS CE1 HE1  sing N N 109 
HIS NE2 HE2  sing N N 110 
HIS OXT HXT  sing N N 111 
ILE N   CA   sing N N 112 
ILE N   H    sing N N 113 
ILE N   H2   sing N N 114 
ILE CA  C    sing N N 115 
ILE CA  CB   sing N N 116 
ILE CA  HA   sing N N 117 
ILE C   O    doub N N 118 
ILE C   OXT  sing N N 119 
ILE CB  CG1  sing N N 120 
ILE CB  CG2  sing N N 121 
ILE CB  HB   sing N N 122 
ILE CG1 CD1  sing N N 123 
ILE CG1 HG12 sing N N 124 
ILE CG1 HG13 sing N N 125 
ILE CG2 HG21 sing N N 126 
ILE CG2 HG22 sing N N 127 
ILE CG2 HG23 sing N N 128 
ILE CD1 HD11 sing N N 129 
ILE CD1 HD12 sing N N 130 
ILE CD1 HD13 sing N N 131 
ILE OXT HXT  sing N N 132 
LEU N   CA   sing N N 133 
LEU N   H    sing N N 134 
LEU N   H2   sing N N 135 
LEU CA  C    sing N N 136 
LEU CA  CB   sing N N 137 
LEU CA  HA   sing N N 138 
LEU C   O    doub N N 139 
LEU C   OXT  sing N N 140 
LEU CB  CG   sing N N 141 
LEU CB  HB2  sing N N 142 
LEU CB  HB3  sing N N 143 
LEU CG  CD1  sing N N 144 
LEU CG  CD2  sing N N 145 
LEU CG  HG   sing N N 146 
LEU CD1 HD11 sing N N 147 
LEU CD1 HD12 sing N N 148 
LEU CD1 HD13 sing N N 149 
LEU CD2 HD21 sing N N 150 
LEU CD2 HD22 sing N N 151 
LEU CD2 HD23 sing N N 152 
LEU OXT HXT  sing N N 153 
LYS N   CA   sing N N 154 
LYS N   H    sing N N 155 
LYS N   H2   sing N N 156 
LYS CA  C    sing N N 157 
LYS CA  CB   sing N N 158 
LYS CA  HA   sing N N 159 
LYS C   O    doub N N 160 
LYS C   OXT  sing N N 161 
LYS CB  CG   sing N N 162 
LYS CB  HB2  sing N N 163 
LYS CB  HB3  sing N N 164 
LYS CG  CD   sing N N 165 
LYS CG  HG2  sing N N 166 
LYS CG  HG3  sing N N 167 
LYS CD  CE   sing N N 168 
LYS CD  HD2  sing N N 169 
LYS CD  HD3  sing N N 170 
LYS CE  NZ   sing N N 171 
LYS CE  HE2  sing N N 172 
LYS CE  HE3  sing N N 173 
LYS NZ  HZ1  sing N N 174 
LYS NZ  HZ2  sing N N 175 
LYS NZ  HZ3  sing N N 176 
LYS OXT HXT  sing N N 177 
PHE N   CA   sing N N 178 
PHE N   H    sing N N 179 
PHE N   H2   sing N N 180 
PHE CA  C    sing N N 181 
PHE CA  CB   sing N N 182 
PHE CA  HA   sing N N 183 
PHE C   O    doub N N 184 
PHE C   OXT  sing N N 185 
PHE CB  CG   sing N N 186 
PHE CB  HB2  sing N N 187 
PHE CB  HB3  sing N N 188 
PHE CG  CD1  doub Y N 189 
PHE CG  CD2  sing Y N 190 
PHE CD1 CE1  sing Y N 191 
PHE CD1 HD1  sing N N 192 
PHE CD2 CE2  doub Y N 193 
PHE CD2 HD2  sing N N 194 
PHE CE1 CZ   doub Y N 195 
PHE CE1 HE1  sing N N 196 
PHE CE2 CZ   sing Y N 197 
PHE CE2 HE2  sing N N 198 
PHE CZ  HZ   sing N N 199 
PHE OXT HXT  sing N N 200 
PRO N   CA   sing N N 201 
PRO N   CD   sing N N 202 
PRO N   H    sing N N 203 
PRO CA  C    sing N N 204 
PRO CA  CB   sing N N 205 
PRO CA  HA   sing N N 206 
PRO C   O    doub N N 207 
PRO C   OXT  sing N N 208 
PRO CB  CG   sing N N 209 
PRO CB  HB2  sing N N 210 
PRO CB  HB3  sing N N 211 
PRO CG  CD   sing N N 212 
PRO CG  HG2  sing N N 213 
PRO CG  HG3  sing N N 214 
PRO CD  HD2  sing N N 215 
PRO CD  HD3  sing N N 216 
PRO OXT HXT  sing N N 217 
SER N   CA   sing N N 218 
SER N   H    sing N N 219 
SER N   H2   sing N N 220 
SER CA  C    sing N N 221 
SER CA  CB   sing N N 222 
SER CA  HA   sing N N 223 
SER C   O    doub N N 224 
SER C   OXT  sing N N 225 
SER CB  OG   sing N N 226 
SER CB  HB2  sing N N 227 
SER CB  HB3  sing N N 228 
SER OG  HG   sing N N 229 
SER OXT HXT  sing N N 230 
THR N   CA   sing N N 231 
THR N   H    sing N N 232 
THR N   H2   sing N N 233 
THR CA  C    sing N N 234 
THR CA  CB   sing N N 235 
THR CA  HA   sing N N 236 
THR C   O    doub N N 237 
THR C   OXT  sing N N 238 
THR CB  OG1  sing N N 239 
THR CB  CG2  sing N N 240 
THR CB  HB   sing N N 241 
THR OG1 HG1  sing N N 242 
THR CG2 HG21 sing N N 243 
THR CG2 HG22 sing N N 244 
THR CG2 HG23 sing N N 245 
THR OXT HXT  sing N N 246 
TYR N   CA   sing N N 247 
TYR N   H    sing N N 248 
TYR N   H2   sing N N 249 
TYR CA  C    sing N N 250 
TYR CA  CB   sing N N 251 
TYR CA  HA   sing N N 252 
TYR C   O    doub N N 253 
TYR C   OXT  sing N N 254 
TYR CB  CG   sing N N 255 
TYR CB  HB2  sing N N 256 
TYR CB  HB3  sing N N 257 
TYR CG  CD1  doub Y N 258 
TYR CG  CD2  sing Y N 259 
TYR CD1 CE1  sing Y N 260 
TYR CD1 HD1  sing N N 261 
TYR CD2 CE2  doub Y N 262 
TYR CD2 HD2  sing N N 263 
TYR CE1 CZ   doub Y N 264 
TYR CE1 HE1  sing N N 265 
TYR CE2 CZ   sing Y N 266 
TYR CE2 HE2  sing N N 267 
TYR CZ  OH   sing N N 268 
TYR OH  HH   sing N N 269 
TYR OXT HXT  sing N N 270 
VAL N   CA   sing N N 271 
VAL N   H    sing N N 272 
VAL N   H2   sing N N 273 
VAL CA  C    sing N N 274 
VAL CA  CB   sing N N 275 
VAL CA  HA   sing N N 276 
VAL C   O    doub N N 277 
VAL C   OXT  sing N N 278 
VAL CB  CG1  sing N N 279 
VAL CB  CG2  sing N N 280 
VAL CB  HB   sing N N 281 
VAL CG1 HG11 sing N N 282 
VAL CG1 HG12 sing N N 283 
VAL CG1 HG13 sing N N 284 
VAL CG2 HG21 sing N N 285 
VAL CG2 HG22 sing N N 286 
VAL CG2 HG23 sing N N 287 
VAL OXT HXT  sing N N 288 
# 
_atom_sites.entry_id                    6HIR 
_atom_sites.fract_transf_matrix[1][1]   1.000000 
_atom_sites.fract_transf_matrix[1][2]   0.000000 
_atom_sites.fract_transf_matrix[1][3]   0.000000 
_atom_sites.fract_transf_matrix[2][1]   0.000000 
_atom_sites.fract_transf_matrix[2][2]   1.000000 
_atom_sites.fract_transf_matrix[2][3]   0.000000 
_atom_sites.fract_transf_matrix[3][1]   0.000000 
_atom_sites.fract_transf_matrix[3][2]   0.000000 
_atom_sites.fract_transf_matrix[3][3]   1.000000 
_atom_sites.fract_transf_vector[1]      0.00000 
_atom_sites.fract_transf_vector[2]      0.00000 
_atom_sites.fract_transf_vector[3]      0.00000 
# 
loop_
_atom_type.symbol 
C 
H 
N 
O 
S 
# 
loop_
_atom_site.group_PDB 
_atom_site.id 
_atom_site.type_symbol 
_atom_site.label_atom_id 
_atom_site.label_alt_id 
_atom_site.label_comp_id 
_atom_site.label_asym_id 
_atom_site.label_entity_id 
_atom_site.label_seq_id 
_atom_site.pdbx_PDB_ins_code 
_atom_site.Cartn_x 
_atom_site.Cartn_y 
_atom_site.Cartn_z 
_atom_site.occupancy 
_atom_site.B_iso_or_equiv 
_atom_site.pdbx_formal_charge 
_atom_site.auth_seq_id 
_atom_site.auth_comp_id 
_atom_site.auth_asym_id 
_atom_site.auth_atom_id 
_atom_site.pdbx_PDB_model_num 
ATOM 1   N N    . VAL A 1 1  ? 11.948  -6.337  10.074  1.00 1.99 ? 1  VAL A N    1 
ATOM 2   C CA   . VAL A 1 1  ? 11.122  -7.174  9.152   1.00 1.58 ? 1  VAL A CA   1 
ATOM 3   C C    . VAL A 1 1  ? 10.670  -6.324  7.958   1.00 1.18 ? 1  VAL A C    1 
ATOM 4   O O    . VAL A 1 1  ? 10.436  -5.139  8.094   1.00 1.37 ? 1  VAL A O    1 
ATOM 5   C CB   . VAL A 1 1  ? 9.889   -7.721  9.876   1.00 2.02 ? 1  VAL A CB   1 
ATOM 6   C CG1  . VAL A 1 1  ? 9.765   -9.219  9.593   1.00 2.47 ? 1  VAL A CG1  1 
ATOM 7   C CG2  . VAL A 1 1  ? 10.045  -7.505  11.384  1.00 2.73 ? 1  VAL A CG2  1 
ATOM 8   H H1   . VAL A 1 1  ? 12.563  -5.712  9.516   1.00 2.42 ? 1  VAL A H1   1 
ATOM 9   H H2   . VAL A 1 1  ? 11.321  -5.761  10.674  1.00 2.48 ? 1  VAL A H2   1 
ATOM 10  H H3   . VAL A 1 1  ? 12.533  -6.953  10.672  1.00 2.15 ? 1  VAL A H3   1 
ATOM 11  H HA   . VAL A 1 1  ? 11.716  -7.997  8.794   1.00 1.78 ? 1  VAL A HA   1 
ATOM 12  H HB   . VAL A 1 1  ? 9.002   -7.210  9.524   1.00 2.56 ? 1  VAL A HB   1 
ATOM 13  H HG11 . VAL A 1 1  ? 9.843   -9.395  8.528   1.00 3.06 ? 1  VAL A HG11 1 
ATOM 14  H HG12 . VAL A 1 1  ? 10.551  -9.753  10.099  1.00 2.85 ? 1  VAL A HG12 1 
ATOM 15  H HG13 . VAL A 1 1  ? 8.809   -9.579  9.947   1.00 2.67 ? 1  VAL A HG13 1 
ATOM 16  H HG21 . VAL A 1 1  ? 11.019  -7.848  11.701  1.00 3.14 ? 1  VAL A HG21 1 
ATOM 17  H HG22 . VAL A 1 1  ? 9.946   -6.456  11.615  1.00 3.15 ? 1  VAL A HG22 1 
ATOM 18  H HG23 . VAL A 1 1  ? 9.282   -8.059  11.912  1.00 3.14 ? 1  VAL A HG23 1 
ATOM 19  N N    . VAL A 1 2  ? 10.558  -6.952  6.816   1.00 0.94 ? 2  VAL A N    1 
ATOM 20  C CA   . VAL A 1 2  ? 10.122  -6.206  5.596   1.00 0.81 ? 2  VAL A CA   1 
ATOM 21  C C    . VAL A 1 2  ? 9.003   -6.974  4.890   1.00 0.65 ? 2  VAL A C    1 
ATOM 22  O O    . VAL A 1 2  ? 9.021   -8.188  4.834   1.00 0.84 ? 2  VAL A O    1 
ATOM 23  C CB   . VAL A 1 2  ? 11.310  -6.057  4.650   1.00 1.15 ? 2  VAL A CB   1 
ATOM 24  C CG1  . VAL A 1 2  ? 10.987  -4.993  3.601   1.00 1.46 ? 2  VAL A CG1  1 
ATOM 25  C CG2  . VAL A 1 2  ? 12.539  -5.622  5.448   1.00 1.35 ? 2  VAL A CG2  1 
ATOM 26  H H    . VAL A 1 2  ? 10.758  -7.910  6.759   1.00 1.15 ? 2  VAL A H    1 
ATOM 27  H HA   . VAL A 1 2  ? 9.763   -5.232  5.874   1.00 0.93 ? 2  VAL A HA   1 
ATOM 28  H HB   . VAL A 1 2  ? 11.507  -7.001  4.163   1.00 1.27 ? 2  VAL A HB   1 
ATOM 29  H HG11 . VAL A 1 2  ? 10.081  -5.260  3.078   1.00 1.97 ? 2  VAL A HG11 1 
ATOM 30  H HG12 . VAL A 1 2  ? 10.854  -4.035  4.082   1.00 1.89 ? 2  VAL A HG12 1 
ATOM 31  H HG13 . VAL A 1 2  ? 11.799  -4.925  2.891   1.00 1.78 ? 2  VAL A HG13 1 
ATOM 32  H HG21 . VAL A 1 2  ? 12.320  -4.713  5.989   1.00 1.69 ? 2  VAL A HG21 1 
ATOM 33  H HG22 . VAL A 1 2  ? 12.809  -6.398  6.152   1.00 1.59 ? 2  VAL A HG22 1 
ATOM 34  H HG23 . VAL A 1 2  ? 13.366  -5.446  4.778   1.00 1.76 ? 2  VAL A HG23 1 
ATOM 35  N N    . TYR A 1 3  ? 8.051   -6.249  4.371   1.00 0.55 ? 3  TYR A N    1 
ATOM 36  C CA   . TYR A 1 3  ? 6.917   -6.919  3.666   1.00 0.44 ? 3  TYR A CA   1 
ATOM 37  C C    . TYR A 1 3  ? 7.183   -6.972  2.159   1.00 0.46 ? 3  TYR A C    1 
ATOM 38  O O    . TYR A 1 3  ? 8.213   -6.530  1.692   1.00 0.54 ? 3  TYR A O    1 
ATOM 39  C CB   . TYR A 1 3  ? 5.630   -6.137  3.930   1.00 0.37 ? 3  TYR A CB   1 
ATOM 40  C CG   . TYR A 1 3  ? 5.175   -6.390  5.369   1.00 0.37 ? 3  TYR A CG   1 
ATOM 41  C CD1  . TYR A 1 3  ? 4.353   -7.459  5.668   1.00 0.46 ? 3  TYR A CD1  1 
ATOM 42  C CD2  . TYR A 1 3  ? 5.586   -5.557  6.391   1.00 0.49 ? 3  TYR A CD2  1 
ATOM 43  C CE1  . TYR A 1 3  ? 3.943   -7.687  6.966   1.00 0.56 ? 3  TYR A CE1  1 
ATOM 44  C CE2  . TYR A 1 3  ? 5.175   -5.787  7.690   1.00 0.58 ? 3  TYR A CE2  1 
ATOM 45  C CZ   . TYR A 1 3  ? 4.352   -6.853  7.986   1.00 0.58 ? 3  TYR A CZ   1 
ATOM 46  O OH   . TYR A 1 3  ? 3.945   -7.084  9.285   1.00 0.71 ? 3  TYR A OH   1 
ATOM 47  H H    . TYR A 1 3  ? 8.081   -5.272  4.442   1.00 0.73 ? 3  TYR A H    1 
ATOM 48  H HA   . TYR A 1 3  ? 6.805   -7.921  4.044   1.00 0.46 ? 3  TYR A HA   1 
ATOM 49  H HB2  . TYR A 1 3  ? 5.807   -5.079  3.791   1.00 0.40 ? 3  TYR A HB2  1 
ATOM 50  H HB3  . TYR A 1 3  ? 4.856   -6.462  3.248   1.00 0.38 ? 3  TYR A HB3  1 
ATOM 51  H HD1  . TYR A 1 3  ? 4.028   -8.121  4.879   1.00 0.56 ? 3  TYR A HD1  1 
ATOM 52  H HD2  . TYR A 1 3  ? 6.234   -4.721  6.174   1.00 0.59 ? 3  TYR A HD2  1 
ATOM 53  H HE1  . TYR A 1 3  ? 3.300   -8.527  7.185   1.00 0.69 ? 3  TYR A HE1  1 
ATOM 54  H HE2  . TYR A 1 3  ? 5.505   -5.127  8.480   1.00 0.73 ? 3  TYR A HE2  1 
ATOM 55  H HH   . TYR A 1 3  ? 4.497   -7.777  9.651   1.00 1.24 ? 3  TYR A HH   1 
ATOM 56  N N    . THR A 1 4  ? 6.244   -7.513  1.431   1.00 0.45 ? 4  THR A N    1 
ATOM 57  C CA   . THR A 1 4  ? 6.425   -7.608  -0.047  1.00 0.50 ? 4  THR A CA   1 
ATOM 58  C C    . THR A 1 4  ? 5.840   -6.367  -0.735  1.00 0.42 ? 4  THR A C    1 
ATOM 59  O O    . THR A 1 4  ? 5.462   -5.414  -0.083  1.00 0.36 ? 4  THR A O    1 
ATOM 60  C CB   . THR A 1 4  ? 5.701   -8.857  -0.554  1.00 0.61 ? 4  THR A CB   1 
ATOM 61  O OG1  . THR A 1 4  ? 4.360   -8.702  -0.106  1.00 1.20 ? 4  THR A OG1  1 
ATOM 62  C CG2  . THR A 1 4  ? 6.212   -10.120 0.135   1.00 1.01 ? 4  THR A CG2  1 
ATOM 63  H H    . THR A 1 4  ? 5.428   -7.855  1.852   1.00 0.43 ? 4  THR A H    1 
ATOM 64  H HA   . THR A 1 4  ? 7.472   -7.685  -0.277  1.00 0.57 ? 4  THR A HA   1 
ATOM 65  H HB   . THR A 1 4  ? 5.749   -8.947  -1.624  1.00 1.13 ? 4  THR A HB   1 
ATOM 66  H HG1  . THR A 1 4  ? 4.250   -9.229  0.689   1.00 1.69 ? 4  THR A HG1  1 
ATOM 67  H HG21 . THR A 1 4  ? 6.684   -9.859  1.071   1.00 1.57 ? 4  THR A HG21 1 
ATOM 68  H HG22 . THR A 1 4  ? 5.386   -10.788 0.328   1.00 1.57 ? 4  THR A HG22 1 
ATOM 69  H HG23 . THR A 1 4  ? 6.931   -10.616 -0.500  1.00 1.54 ? 4  THR A HG23 1 
ATOM 70  N N    . ASP A 1 5  ? 5.782   -6.406  -2.039  1.00 0.43 ? 5  ASP A N    1 
ATOM 71  C CA   . ASP A 1 5  ? 5.225   -5.239  -2.781  1.00 0.38 ? 5  ASP A CA   1 
ATOM 72  C C    . ASP A 1 5  ? 3.711   -5.400  -2.958  1.00 0.38 ? 5  ASP A C    1 
ATOM 73  O O    . ASP A 1 5  ? 3.165   -6.459  -2.717  1.00 0.44 ? 5  ASP A O    1 
ATOM 74  C CB   . ASP A 1 5  ? 5.894   -5.152  -4.152  1.00 0.43 ? 5  ASP A CB   1 
ATOM 75  C CG   . ASP A 1 5  ? 7.344   -5.631  -4.038  1.00 0.51 ? 5  ASP A CG   1 
ATOM 76  O OD1  . ASP A 1 5  ? 8.140   -4.839  -3.560  1.00 1.09 ? 5  ASP A OD1  1 
ATOM 77  O OD2  . ASP A 1 5  ? 7.573   -6.762  -4.434  1.00 1.23 ? 5  ASP A OD2  1 
ATOM 78  H H    . ASP A 1 5  ? 6.102   -7.194  -2.525  1.00 0.49 ? 5  ASP A H    1 
ATOM 79  H HA   . ASP A 1 5  ? 5.426   -4.335  -2.230  1.00 0.37 ? 5  ASP A HA   1 
ATOM 80  H HB2  . ASP A 1 5  ? 5.366   -5.776  -4.857  1.00 0.43 ? 5  ASP A HB2  1 
ATOM 81  H HB3  . ASP A 1 5  ? 5.882   -4.130  -4.501  1.00 0.46 ? 5  ASP A HB3  1 
ATOM 82  N N    . CYS A 1 6  ? 3.065   -4.347  -3.376  1.00 0.34 ? 6  CYS A N    1 
ATOM 83  C CA   . CYS A 1 6  ? 1.586   -4.422  -3.566  1.00 0.37 ? 6  CYS A CA   1 
ATOM 84  C C    . CYS A 1 6  ? 1.245   -4.798  -5.010  1.00 0.41 ? 6  CYS A C    1 
ATOM 85  O O    . CYS A 1 6  ? 2.092   -4.770  -5.882  1.00 0.48 ? 6  CYS A O    1 
ATOM 86  C CB   . CYS A 1 6  ? 0.974   -3.062  -3.240  1.00 0.36 ? 6  CYS A CB   1 
ATOM 87  S SG   . CYS A 1 6  ? 0.242   -2.852  -1.601  1.00 1.11 ? 6  CYS A SG   1 
ATOM 88  H H    . CYS A 1 6  ? 3.546   -3.514  -3.563  1.00 0.33 ? 6  CYS A H    1 
ATOM 89  H HA   . CYS A 1 6  ? 1.179   -5.161  -2.898  1.00 0.41 ? 6  CYS A HA   1 
ATOM 90  H HB2  . CYS A 1 6  ? 1.743   -2.310  -3.355  1.00 0.70 ? 6  CYS A HB2  1 
ATOM 91  H HB3  . CYS A 1 6  ? 0.206   -2.856  -3.971  1.00 0.82 ? 6  CYS A HB3  1 
ATOM 92  N N    . THR A 1 7  ? 0.004   -5.143  -5.228  1.00 0.41 ? 7  THR A N    1 
ATOM 93  C CA   . THR A 1 7  ? -0.430  -5.521  -6.606  1.00 0.47 ? 7  THR A CA   1 
ATOM 94  C C    . THR A 1 7  ? -1.833  -4.965  -6.879  1.00 0.41 ? 7  THR A C    1 
ATOM 95  O O    . THR A 1 7  ? -2.303  -4.976  -7.999  1.00 0.45 ? 7  THR A O    1 
ATOM 96  C CB   . THR A 1 7  ? -0.445  -7.047  -6.727  1.00 0.62 ? 7  THR A CB   1 
ATOM 97  O OG1  . THR A 1 7  ? -1.817  -7.385  -6.906  1.00 1.36 ? 7  THR A OG1  1 
ATOM 98  C CG2  . THR A 1 7  ? -0.030  -7.717  -5.419  1.00 1.41 ? 7  THR A CG2  1 
ATOM 99  H H    . THR A 1 7  ? -0.641  -5.153  -4.489  1.00 0.43 ? 7  THR A H    1 
ATOM 100 H HA   . THR A 1 7  ? 0.261   -5.113  -7.323  1.00 0.51 ? 7  THR A HA   1 
ATOM 101 H HB   . THR A 1 7  ? 0.153   -7.393  -7.550  1.00 1.10 ? 7  THR A HB   1 
ATOM 102 H HG1  . THR A 1 7  ? -1.860  -8.174  -7.451  1.00 1.85 ? 7  THR A HG1  1 
ATOM 103 H HG21 . THR A 1 7  ? 0.962   -7.392  -5.142  1.00 1.87 ? 7  THR A HG21 1 
ATOM 104 H HG22 . THR A 1 7  ? -0.724  -7.451  -4.636  1.00 2.02 ? 7  THR A HG22 1 
ATOM 105 H HG23 . THR A 1 7  ? -0.030  -8.791  -5.543  1.00 1.96 ? 7  THR A HG23 1 
ATOM 106 N N    . GLU A 1 8  ? -2.470  -4.496  -5.839  1.00 0.40 ? 8  GLU A N    1 
ATOM 107 C CA   . GLU A 1 8  ? -3.841  -3.923  -6.004  1.00 0.41 ? 8  GLU A CA   1 
ATOM 108 C C    . GLU A 1 8  ? -4.002  -2.706  -5.087  1.00 0.36 ? 8  GLU A C    1 
ATOM 109 O O    . GLU A 1 8  ? -3.150  -2.427  -4.268  1.00 0.41 ? 8  GLU A O    1 
ATOM 110 C CB   . GLU A 1 8  ? -4.890  -4.977  -5.629  1.00 0.54 ? 8  GLU A CB   1 
ATOM 111 C CG   . GLU A 1 8  ? -4.982  -6.051  -6.726  1.00 1.26 ? 8  GLU A CG   1 
ATOM 112 C CD   . GLU A 1 8  ? -6.373  -6.691  -6.681  1.00 1.63 ? 8  GLU A CD   1 
ATOM 113 O OE1  . GLU A 1 8  ? -6.842  -6.887  -5.572  1.00 2.21 ? 8  GLU A OE1  1 
ATOM 114 O OE2  . GLU A 1 8  ? -6.887  -6.941  -7.758  1.00 2.04 ? 8  GLU A OE2  1 
ATOM 115 H H    . GLU A 1 8  ? -2.050  -4.517  -4.954  1.00 0.43 ? 8  GLU A H    1 
ATOM 116 H HA   . GLU A 1 8  ? -3.983  -3.616  -7.025  1.00 0.45 ? 8  GLU A HA   1 
ATOM 117 H HB2  . GLU A 1 8  ? -4.614  -5.441  -4.695  1.00 1.15 ? 8  GLU A HB2  1 
ATOM 118 H HB3  . GLU A 1 8  ? -5.852  -4.500  -5.511  1.00 1.04 ? 8  GLU A HB3  1 
ATOM 119 H HG2  . GLU A 1 8  ? -4.829  -5.611  -7.698  1.00 1.85 ? 8  GLU A HG2  1 
ATOM 120 H HG3  . GLU A 1 8  ? -4.236  -6.813  -6.557  1.00 1.92 ? 8  GLU A HG3  1 
ATOM 121 N N    . SER A 1 9  ? -5.092  -2.009  -5.244  1.00 0.42 ? 9  SER A N    1 
ATOM 122 C CA   . SER A 1 9  ? -5.322  -0.812  -4.386  1.00 0.39 ? 9  SER A CA   1 
ATOM 123 C C    . SER A 1 9  ? -6.155  -1.193  -3.158  1.00 0.43 ? 9  SER A C    1 
ATOM 124 O O    . SER A 1 9  ? -7.130  -1.911  -3.271  1.00 0.75 ? 9  SER A O    1 
ATOM 125 C CB   . SER A 1 9  ? -6.066  0.248   -5.196  1.00 0.49 ? 9  SER A CB   1 
ATOM 126 O OG   . SER A 1 9  ? -5.896  -0.162  -6.546  1.00 0.69 ? 9  SER A OG   1 
ATOM 127 H H    . SER A 1 9  ? -5.754  -2.269  -5.919  1.00 0.52 ? 9  SER A H    1 
ATOM 128 H HA   . SER A 1 9  ? -4.374  -0.414  -4.066  1.00 0.38 ? 9  SER A HA   1 
ATOM 129 H HB2  . SER A 1 9  ? -7.114  0.260   -4.937  1.00 0.58 ? 9  SER A HB2  1 
ATOM 130 H HB3  . SER A 1 9  ? -5.629  1.223   -5.043  1.00 0.49 ? 9  SER A HB3  1 
ATOM 131 H HG   . SER A 1 9  ? -5.186  0.360   -6.928  1.00 0.95 ? 9  SER A HG   1 
ATOM 132 N N    . GLY A 1 10 ? -5.748  -0.705  -2.013  1.00 0.30 ? 10 GLY A N    1 
ATOM 133 C CA   . GLY A 1 10 ? -6.500  -1.019  -0.761  1.00 0.36 ? 10 GLY A CA   1 
ATOM 134 C C    . GLY A 1 10 ? -5.642  -1.867  0.184   1.00 0.34 ? 10 GLY A C    1 
ATOM 135 O O    . GLY A 1 10 ? -5.911  -1.938  1.365   1.00 0.55 ? 10 GLY A O    1 
ATOM 136 H H    . GLY A 1 10 ? -4.951  -0.136  -1.977  1.00 0.42 ? 10 GLY A H    1 
ATOM 137 H HA2  . GLY A 1 10 ? -6.763  -0.096  -0.267  1.00 0.97 ? 10 GLY A HA2  1 
ATOM 138 H HA3  . GLY A 1 10 ? -7.402  -1.559  -1.004  1.00 1.06 ? 10 GLY A HA3  1 
ATOM 139 N N    . GLN A 1 11 ? -4.627  -2.496  -0.353  1.00 0.37 ? 11 GLN A N    1 
ATOM 140 C CA   . GLN A 1 11 ? -3.750  -3.335  0.521   1.00 0.41 ? 11 GLN A CA   1 
ATOM 141 C C    . GLN A 1 11 ? -3.240  -2.491  1.693   1.00 0.40 ? 11 GLN A C    1 
ATOM 142 O O    . GLN A 1 11 ? -3.678  -1.375  1.890   1.00 0.47 ? 11 GLN A O    1 
ATOM 143 C CB   . GLN A 1 11 ? -2.544  -3.837  -0.298  1.00 0.51 ? 11 GLN A CB   1 
ATOM 144 C CG   . GLN A 1 11 ? -2.551  -5.376  -0.426  1.00 0.76 ? 11 GLN A CG   1 
ATOM 145 C CD   . GLN A 1 11 ? -3.426  -5.781  -1.617  1.00 0.89 ? 11 GLN A CD   1 
ATOM 146 O OE1  . GLN A 1 11 ? -4.619  -5.989  -1.490  1.00 1.87 ? 11 GLN A OE1  1 
ATOM 147 N NE2  . GLN A 1 11 ? -2.869  -5.902  -2.793  1.00 1.22 ? 11 GLN A NE2  1 
ATOM 148 H H    . GLN A 1 11 ? -4.447  -2.421  -1.314  1.00 0.49 ? 11 GLN A H    1 
ATOM 149 H HA   . GLN A 1 11 ? -4.314  -4.164  0.897   1.00 0.47 ? 11 GLN A HA   1 
ATOM 150 H HB2  . GLN A 1 11 ? -2.577  -3.398  -1.283  1.00 0.58 ? 11 GLN A HB2  1 
ATOM 151 H HB3  . GLN A 1 11 ? -1.633  -3.526  0.190   1.00 0.61 ? 11 GLN A HB3  1 
ATOM 152 H HG2  . GLN A 1 11 ? -1.545  -5.725  -0.601  1.00 1.36 ? 11 GLN A HG2  1 
ATOM 153 H HG3  . GLN A 1 11 ? -2.929  -5.837  0.475   1.00 1.43 ? 11 GLN A HG3  1 
ATOM 154 H HE21 . GLN A 1 11 ? -1.909  -5.735  -2.898  1.00 1.81 ? 11 GLN A HE21 1 
ATOM 155 H HE22 . GLN A 1 11 ? -3.409  -6.161  -3.568  1.00 1.55 ? 11 GLN A HE22 1 
ATOM 156 N N    . ASN A 1 12 ? -2.322  -3.035  2.446   1.00 0.40 ? 12 ASN A N    1 
ATOM 157 C CA   . ASN A 1 12 ? -1.787  -2.254  3.594   1.00 0.46 ? 12 ASN A CA   1 
ATOM 158 C C    . ASN A 1 12 ? -0.324  -2.622  3.870   1.00 0.42 ? 12 ASN A C    1 
ATOM 159 O O    . ASN A 1 12 ? 0.565   -1.831  3.635   1.00 0.43 ? 12 ASN A O    1 
ATOM 160 C CB   . ASN A 1 12 ? -2.627  -2.536  4.840   1.00 0.56 ? 12 ASN A CB   1 
ATOM 161 C CG   . ASN A 1 12 ? -3.489  -1.309  5.180   1.00 0.86 ? 12 ASN A CG   1 
ATOM 162 O OD1  . ASN A 1 12 ? -3.828  -0.509  4.327   1.00 1.60 ? 12 ASN A OD1  1 
ATOM 163 N ND2  . ASN A 1 12 ? -3.871  -1.129  6.417   1.00 0.97 ? 12 ASN A ND2  1 
ATOM 164 H H    . ASN A 1 12 ? -1.993  -3.938  2.259   1.00 0.42 ? 12 ASN A H    1 
ATOM 165 H HA   . ASN A 1 12 ? -1.844  -1.210  3.358   1.00 0.51 ? 12 ASN A HA   1 
ATOM 166 H HB2  . ASN A 1 12 ? -3.269  -3.381  4.660   1.00 0.74 ? 12 ASN A HB2  1 
ATOM 167 H HB3  . ASN A 1 12 ? -1.977  -2.754  5.673   1.00 0.95 ? 12 ASN A HB3  1 
ATOM 168 H HD21 . ASN A 1 12 ? -3.607  -1.772  7.109   1.00 1.30 ? 12 ASN A HD21 1 
ATOM 169 H HD22 . ASN A 1 12 ? -4.421  -0.353  6.654   1.00 1.45 ? 12 ASN A HD22 1 
ATOM 170 N N    . LEU A 1 13 ? -0.097  -3.816  4.359   1.00 0.39 ? 13 LEU A N    1 
ATOM 171 C CA   . LEU A 1 13 ? 1.314   -4.217  4.657   1.00 0.37 ? 13 LEU A CA   1 
ATOM 172 C C    . LEU A 1 13 ? 2.038   -4.571  3.360   1.00 0.35 ? 13 LEU A C    1 
ATOM 173 O O    . LEU A 1 13 ? 2.071   -5.714  2.950   1.00 0.38 ? 13 LEU A O    1 
ATOM 174 C CB   . LEU A 1 13 ? 1.320   -5.434  5.593   1.00 0.38 ? 13 LEU A CB   1 
ATOM 175 C CG   . LEU A 1 13 ? 0.786   -5.040  6.986   1.00 0.40 ? 13 LEU A CG   1 
ATOM 176 C CD1  . LEU A 1 13 ? 0.750   -6.288  7.886   1.00 0.47 ? 13 LEU A CD1  1 
ATOM 177 C CD2  . LEU A 1 13 ? 1.708   -3.988  7.628   1.00 0.51 ? 13 LEU A CD2  1 
ATOM 178 H H    . LEU A 1 13 ? -0.836  -4.436  4.525   1.00 0.40 ? 13 LEU A H    1 
ATOM 179 H HA   . LEU A 1 13 ? 1.824   -3.397  5.126   1.00 0.40 ? 13 LEU A HA   1 
ATOM 180 H HB2  . LEU A 1 13 ? 0.693   -6.207  5.174   1.00 0.40 ? 13 LEU A HB2  1 
ATOM 181 H HB3  . LEU A 1 13 ? 2.327   -5.812  5.687   1.00 0.44 ? 13 LEU A HB3  1 
ATOM 182 H HG   . LEU A 1 13 ? -0.209  -4.636  6.891   1.00 0.42 ? 13 LEU A HG   1 
ATOM 183 H HD11 . LEU A 1 13 ? 0.587   -7.170  7.287   1.00 1.22 ? 13 LEU A HD11 1 
ATOM 184 H HD12 . LEU A 1 13 ? 1.689   -6.390  8.412   1.00 1.01 ? 13 LEU A HD12 1 
ATOM 185 H HD13 . LEU A 1 13 ? -0.051  -6.196  8.605   1.00 1.08 ? 13 LEU A HD13 1 
ATOM 186 H HD21 . LEU A 1 13 ? 2.720   -4.126  7.274   1.00 1.18 ? 13 LEU A HD21 1 
ATOM 187 H HD22 . LEU A 1 13 ? 1.371   -2.997  7.366   1.00 1.05 ? 13 LEU A HD22 1 
ATOM 188 H HD23 . LEU A 1 13 ? 1.689   -4.091  8.703   1.00 1.09 ? 13 LEU A HD23 1 
ATOM 189 N N    . CYS A 1 14 ? 2.602   -3.572  2.744   1.00 0.33 ? 14 CYS A N    1 
ATOM 190 C CA   . CYS A 1 14 ? 3.335   -3.804  1.470   1.00 0.32 ? 14 CYS A CA   1 
ATOM 191 C C    . CYS A 1 14 ? 4.293   -2.637  1.206   1.00 0.31 ? 14 CYS A C    1 
ATOM 192 O O    . CYS A 1 14 ? 4.773   -2.008  2.128   1.00 0.36 ? 14 CYS A O    1 
ATOM 193 C CB   . CYS A 1 14 ? 2.329   -3.894  0.326   1.00 0.32 ? 14 CYS A CB   1 
ATOM 194 S SG   . CYS A 1 14 ? 1.801   -2.337  -0.428  1.00 0.39 ? 14 CYS A SG   1 
ATOM 195 H H    . CYS A 1 14 ? 2.545   -2.669  3.119   1.00 0.34 ? 14 CYS A H    1 
ATOM 196 H HA   . CYS A 1 14 ? 3.893   -4.724  1.535   1.00 0.35 ? 14 CYS A HA   1 
ATOM 197 H HB2  . CYS A 1 14 ? 2.757   -4.507  -0.454  1.00 0.34 ? 14 CYS A HB2  1 
ATOM 198 H HB3  . CYS A 1 14 ? 1.446   -4.398  0.692   1.00 0.38 ? 14 CYS A HB3  1 
ATOM 199 N N    . LEU A 1 15 ? 4.546   -2.379  -0.051  1.00 0.29 ? 15 LEU A N    1 
ATOM 200 C CA   . LEU A 1 15 ? 5.459   -1.250  -0.413  1.00 0.29 ? 15 LEU A CA   1 
ATOM 201 C C    . LEU A 1 15 ? 4.768   -0.350  -1.443  1.00 0.25 ? 15 LEU A C    1 
ATOM 202 O O    . LEU A 1 15 ? 4.726   -0.662  -2.616  1.00 0.32 ? 15 LEU A O    1 
ATOM 203 C CB   . LEU A 1 15 ? 6.759   -1.806  -1.011  1.00 0.35 ? 15 LEU A CB   1 
ATOM 204 C CG   . LEU A 1 15 ? 7.399   -2.820  -0.045  1.00 0.39 ? 15 LEU A CG   1 
ATOM 205 C CD1  . LEU A 1 15 ? 8.361   -3.713  -0.837  1.00 0.60 ? 15 LEU A CD1  1 
ATOM 206 C CD2  . LEU A 1 15 ? 8.183   -2.071  1.043   1.00 0.45 ? 15 LEU A CD2  1 
ATOM 207 H H    . LEU A 1 15 ? 4.138   -2.926  -0.755  1.00 0.33 ? 15 LEU A H    1 
ATOM 208 H HA   . LEU A 1 15 ? 5.683   -0.670  0.463   1.00 0.31 ? 15 LEU A HA   1 
ATOM 209 H HB2  . LEU A 1 15 ? 6.545   -2.290  -1.951  1.00 0.38 ? 15 LEU A HB2  1 
ATOM 210 H HB3  . LEU A 1 15 ? 7.449   -0.993  -1.186  1.00 0.38 ? 15 LEU A HB3  1 
ATOM 211 H HG   . LEU A 1 15 ? 6.637   -3.429  0.410   1.00 0.53 ? 15 LEU A HG   1 
ATOM 212 H HD11 . LEU A 1 15 ? 8.702   -3.188  -1.717  1.00 1.18 ? 15 LEU A HD11 1 
ATOM 213 H HD12 . LEU A 1 15 ? 9.213   -3.971  -0.226  1.00 1.12 ? 15 LEU A HD12 1 
ATOM 214 H HD13 . LEU A 1 15 ? 7.854   -4.617  -1.138  1.00 1.16 ? 15 LEU A HD13 1 
ATOM 215 H HD21 . LEU A 1 15 ? 8.925   -1.434  0.585   1.00 1.11 ? 15 LEU A HD21 1 
ATOM 216 H HD22 . LEU A 1 15 ? 7.511   -1.467  1.629   1.00 1.14 ? 15 LEU A HD22 1 
ATOM 217 H HD23 . LEU A 1 15 ? 8.676   -2.779  1.692   1.00 1.07 ? 15 LEU A HD23 1 
ATOM 218 N N    . CYS A 1 16 ? 4.240   0.747   -0.978  1.00 0.32 ? 16 CYS A N    1 
ATOM 219 C CA   . CYS A 1 16 ? 3.535   1.674   -1.910  1.00 0.46 ? 16 CYS A CA   1 
ATOM 220 C C    . CYS A 1 16 ? 4.481   2.786   -2.384  1.00 0.58 ? 16 CYS A C    1 
ATOM 221 O O    . CYS A 1 16 ? 4.696   2.951   -3.568  1.00 0.96 ? 16 CYS A O    1 
ATOM 222 C CB   . CYS A 1 16 ? 2.337   2.280   -1.182  1.00 0.66 ? 16 CYS A CB   1 
ATOM 223 S SG   . CYS A 1 16 ? 1.300   1.145   -0.226  1.00 1.13 ? 16 CYS A SG   1 
ATOM 224 H H    . CYS A 1 16 ? 4.306   0.962   -0.024  1.00 0.35 ? 16 CYS A H    1 
ATOM 225 H HA   . CYS A 1 16 ? 3.185   1.119   -2.764  1.00 0.47 ? 16 CYS A HA   1 
ATOM 226 H HB2  . CYS A 1 16 ? 2.700   3.042   -0.508  1.00 0.88 ? 16 CYS A HB2  1 
ATOM 227 H HB3  . CYS A 1 16 ? 1.706   2.761   -1.914  1.00 1.12 ? 16 CYS A HB3  1 
ATOM 228 N N    . GLU A 1 17 ? 5.025   3.524   -1.456  1.00 0.52 ? 17 GLU A N    1 
ATOM 229 C CA   . GLU A 1 17 ? 5.961   4.622   -1.854  1.00 0.61 ? 17 GLU A CA   1 
ATOM 230 C C    . GLU A 1 17 ? 7.374   4.060   -2.047  1.00 0.55 ? 17 GLU A C    1 
ATOM 231 O O    . GLU A 1 17 ? 8.116   3.894   -1.099  1.00 0.54 ? 17 GLU A O    1 
ATOM 232 C CB   . GLU A 1 17 ? 5.995   5.698   -0.753  1.00 0.76 ? 17 GLU A CB   1 
ATOM 233 C CG   . GLU A 1 17 ? 4.766   6.630   -0.851  1.00 1.05 ? 17 GLU A CG   1 
ATOM 234 C CD   . GLU A 1 17 ? 5.197   8.062   -0.517  1.00 1.55 ? 17 GLU A CD   1 
ATOM 235 O OE1  . GLU A 1 17 ? 6.148   8.502   -1.145  1.00 2.17 ? 17 GLU A OE1  1 
ATOM 236 O OE2  . GLU A 1 17 ? 4.551   8.636   0.344   1.00 2.12 ? 17 GLU A OE2  1 
ATOM 237 H H    . GLU A 1 17 ? 4.822   3.364   -0.511  1.00 0.72 ? 17 GLU A H    1 
ATOM 238 H HA   . GLU A 1 17 ? 5.633   5.055   -2.780  1.00 0.73 ? 17 GLU A HA   1 
ATOM 239 H HB2  . GLU A 1 17 ? 6.000   5.216   0.214   1.00 1.10 ? 17 GLU A HB2  1 
ATOM 240 H HB3  . GLU A 1 17 ? 6.897   6.283   -0.853  1.00 1.15 ? 17 GLU A HB3  1 
ATOM 241 H HG2  . GLU A 1 17 ? 4.351   6.612   -1.845  1.00 1.52 ? 17 GLU A HG2  1 
ATOM 242 H HG3  . GLU A 1 17 ? 4.014   6.315   -0.147  1.00 1.66 ? 17 GLU A HG3  1 
ATOM 243 N N    . GLY A 1 18 ? 7.713   3.781   -3.275  1.00 0.67 ? 18 GLY A N    1 
ATOM 244 C CA   . GLY A 1 18 ? 9.070   3.238   -3.556  1.00 0.74 ? 18 GLY A CA   1 
ATOM 245 C C    . GLY A 1 18 ? 9.307   1.945   -2.774  1.00 0.67 ? 18 GLY A C    1 
ATOM 246 O O    . GLY A 1 18 ? 8.831   0.894   -3.155  1.00 0.80 ? 18 GLY A O    1 
ATOM 247 H H    . GLY A 1 18 ? 7.079   3.929   -4.007  1.00 0.78 ? 18 GLY A H    1 
ATOM 248 H HA2  . GLY A 1 18 ? 9.159   3.036   -4.613  1.00 1.17 ? 18 GLY A HA2  1 
ATOM 249 H HA3  . GLY A 1 18 ? 9.812   3.968   -3.268  1.00 1.11 ? 18 GLY A HA3  1 
ATOM 250 N N    . SER A 1 19 ? 10.043  2.055   -1.694  1.00 0.62 ? 19 SER A N    1 
ATOM 251 C CA   . SER A 1 19 ? 10.337  0.843   -0.865  1.00 0.63 ? 19 SER A CA   1 
ATOM 252 C C    . SER A 1 19 ? 9.910   1.074   0.589   1.00 0.54 ? 19 SER A C    1 
ATOM 253 O O    . SER A 1 19 ? 10.249  0.305   1.466   1.00 0.60 ? 19 SER A O    1 
ATOM 254 C CB   . SER A 1 19 ? 11.839  0.562   -0.913  1.00 0.78 ? 19 SER A CB   1 
ATOM 255 O OG   . SER A 1 19 ? 12.290  0.859   0.399   1.00 0.79 ? 19 SER A OG   1 
ATOM 256 H H    . SER A 1 19 ? 10.400  2.930   -1.431  1.00 0.67 ? 19 SER A H    1 
ATOM 257 H HA   . SER A 1 19 ? 9.806   -0.004  -1.259  1.00 0.64 ? 19 SER A HA   1 
ATOM 258 H HB2  . SER A 1 19 ? 12.027  -0.474  -1.148  1.00 0.87 ? 19 SER A HB2  1 
ATOM 259 H HB3  . SER A 1 19 ? 12.326  1.206   -1.630  1.00 0.80 ? 19 SER A HB3  1 
ATOM 260 H HG   . SER A 1 19 ? 13.004  0.253   0.612   1.00 1.19 ? 19 SER A HG   1 
ATOM 261 N N    . ASN A 1 20 ? 9.176   2.130   0.814   1.00 0.45 ? 20 ASN A N    1 
ATOM 262 C CA   . ASN A 1 20 ? 8.716   2.416   2.205   1.00 0.43 ? 20 ASN A CA   1 
ATOM 263 C C    . ASN A 1 20 ? 7.447   1.614   2.510   1.00 0.34 ? 20 ASN A C    1 
ATOM 264 O O    . ASN A 1 20 ? 6.634   1.380   1.637   1.00 0.29 ? 20 ASN A O    1 
ATOM 265 C CB   . ASN A 1 20 ? 8.430   3.909   2.345   1.00 0.47 ? 20 ASN A CB   1 
ATOM 266 C CG   . ASN A 1 20 ? 9.701   4.625   2.808   1.00 0.79 ? 20 ASN A CG   1 
ATOM 267 O OD1  . ASN A 1 20 ? 9.912   4.838   3.985   1.00 1.39 ? 20 ASN A OD1  1 
ATOM 268 N ND2  . ASN A 1 20 ? 10.573  5.010   1.916   1.00 1.17 ? 20 ASN A ND2  1 
ATOM 269 H H    . ASN A 1 20 ? 8.930   2.728   0.078   1.00 0.45 ? 20 ASN A H    1 
ATOM 270 H HA   . ASN A 1 20 ? 9.490   2.136   2.900   1.00 0.53 ? 20 ASN A HA   1 
ATOM 271 H HB2  . ASN A 1 20 ? 8.121   4.314   1.392   1.00 0.63 ? 20 ASN A HB2  1 
ATOM 272 H HB3  . ASN A 1 20 ? 7.646   4.067   3.071   1.00 0.50 ? 20 ASN A HB3  1 
ATOM 273 H HD21 . ASN A 1 20 ? 10.409  4.838   0.965   1.00 1.58 ? 20 ASN A HD21 1 
ATOM 274 H HD22 . ASN A 1 20 ? 11.392  5.469   2.197   1.00 1.69 ? 20 ASN A HD22 1 
ATOM 275 N N    . VAL A 1 21 ? 7.302   1.209   3.742   1.00 0.38 ? 21 VAL A N    1 
ATOM 276 C CA   . VAL A 1 21 ? 6.096   0.409   4.110   1.00 0.37 ? 21 VAL A CA   1 
ATOM 277 C C    . VAL A 1 21 ? 4.944   1.326   4.548   1.00 0.41 ? 21 VAL A C    1 
ATOM 278 O O    . VAL A 1 21 ? 5.106   2.176   5.400   1.00 0.49 ? 21 VAL A O    1 
ATOM 279 C CB   . VAL A 1 21 ? 6.459   -0.545  5.251   1.00 0.48 ? 21 VAL A CB   1 
ATOM 280 C CG1  . VAL A 1 21 ? 5.193   -0.924  6.027   1.00 0.50 ? 21 VAL A CG1  1 
ATOM 281 C CG2  . VAL A 1 21 ? 7.082   -1.813  4.662   1.00 0.53 ? 21 VAL A CG2  1 
ATOM 282 H H    . VAL A 1 21 ? 7.978   1.426   4.418   1.00 0.44 ? 21 VAL A H    1 
ATOM 283 H HA   . VAL A 1 21 ? 5.783   -0.167  3.257   1.00 0.33 ? 21 VAL A HA   1 
ATOM 284 H HB   . VAL A 1 21 ? 7.163   -0.069  5.915   1.00 0.55 ? 21 VAL A HB   1 
ATOM 285 H HG11 . VAL A 1 21 ? 4.377   -1.089  5.338   1.00 1.07 ? 21 VAL A HG11 1 
ATOM 286 H HG12 . VAL A 1 21 ? 5.370   -1.829  6.590   1.00 1.16 ? 21 VAL A HG12 1 
ATOM 287 H HG13 . VAL A 1 21 ? 4.928   -0.129  6.706   1.00 1.10 ? 21 VAL A HG13 1 
ATOM 288 H HG21 . VAL A 1 21 ? 7.953   -1.556  4.079   1.00 1.08 ? 21 VAL A HG21 1 
ATOM 289 H HG22 . VAL A 1 21 ? 7.374   -2.480  5.461   1.00 1.11 ? 21 VAL A HG22 1 
ATOM 290 H HG23 . VAL A 1 21 ? 6.365   -2.313  4.029   1.00 1.18 ? 21 VAL A HG23 1 
ATOM 291 N N    . CYS A 1 22 ? 3.806   1.119   3.944   1.00 0.39 ? 22 CYS A N    1 
ATOM 292 C CA   . CYS A 1 22 ? 2.604   1.937   4.293   1.00 0.53 ? 22 CYS A CA   1 
ATOM 293 C C    . CYS A 1 22 ? 1.407   1.001   4.473   1.00 0.94 ? 22 CYS A C    1 
ATOM 294 O O    . CYS A 1 22 ? 0.864   0.508   3.505   1.00 1.50 ? 22 CYS A O    1 
ATOM 295 C CB   . CYS A 1 22 ? 2.307   2.904   3.147   1.00 0.76 ? 22 CYS A CB   1 
ATOM 296 S SG   . CYS A 1 22 ? 2.987   4.577   3.251   1.00 1.04 ? 22 CYS A SG   1 
ATOM 297 H H    . CYS A 1 22 ? 3.739   0.423   3.255   1.00 0.33 ? 22 CYS A H    1 
ATOM 298 H HA   . CYS A 1 22 ? 2.783   2.486   5.201   1.00 0.50 ? 22 CYS A HA   1 
ATOM 299 H HB2  . CYS A 1 22 ? 2.671   2.460   2.233   1.00 0.75 ? 22 CYS A HB2  1 
ATOM 300 H HB3  . CYS A 1 22 ? 1.235   2.996   3.058   1.00 1.12 ? 22 CYS A HB3  1 
ATOM 301 N N    . GLY A 1 23 ? 1.005   0.770   5.698   1.00 0.78 ? 23 GLY A N    1 
ATOM 302 C CA   . GLY A 1 23 ? -0.142  -0.160  5.895   1.00 1.24 ? 23 GLY A CA   1 
ATOM 303 C C    . GLY A 1 23 ? -0.915  0.113   7.184   1.00 0.70 ? 23 GLY A C    1 
ATOM 304 O O    . GLY A 1 23 ? -1.627  1.093   7.292   1.00 0.86 ? 23 GLY A O    1 
ATOM 305 H H    . GLY A 1 23 ? 1.448   1.196   6.462   1.00 0.52 ? 23 GLY A H    1 
ATOM 306 H HA2  . GLY A 1 23 ? -0.813  -0.061  5.062   1.00 1.68 ? 23 GLY A HA2  1 
ATOM 307 H HA3  . GLY A 1 23 ? 0.232   -1.168  5.926   1.00 1.85 ? 23 GLY A HA3  1 
ATOM 308 N N    . GLN A 1 24 ? -0.759  -0.781  8.127   1.00 0.49 ? 24 GLN A N    1 
ATOM 309 C CA   . GLN A 1 24 ? -1.495  -0.648  9.423   1.00 0.73 ? 24 GLN A CA   1 
ATOM 310 C C    . GLN A 1 24 ? -1.590  0.811   9.866   1.00 0.77 ? 24 GLN A C    1 
ATOM 311 O O    . GLN A 1 24 ? -0.617  1.537   9.857   1.00 1.08 ? 24 GLN A O    1 
ATOM 312 C CB   . GLN A 1 24 ? -0.764  -1.454  10.492  1.00 1.23 ? 24 GLN A CB   1 
ATOM 313 C CG   . GLN A 1 24 ? -1.769  -1.903  11.554  1.00 1.74 ? 24 GLN A CG   1 
ATOM 314 C CD   . GLN A 1 24 ? -1.011  -2.409  12.783  1.00 2.22 ? 24 GLN A CD   1 
ATOM 315 O OE1  . GLN A 1 24 ? -1.343  -2.085  13.907  1.00 2.78 ? 24 GLN A OE1  1 
ATOM 316 N NE2  . GLN A 1 24 ? 0.011   -3.202  12.615  1.00 2.63 ? 24 GLN A NE2  1 
ATOM 317 H H    . GLN A 1 24 ? -0.159  -1.541  7.983   1.00 0.68 ? 24 GLN A H    1 
ATOM 318 H HA   . GLN A 1 24 ? -2.487  -1.046  9.305   1.00 0.90 ? 24 GLN A HA   1 
ATOM 319 H HB2  . GLN A 1 24 ? -0.302  -2.320  10.041  1.00 1.28 ? 24 GLN A HB2  1 
ATOM 320 H HB3  . GLN A 1 24 ? -0.001  -0.843  10.949  1.00 1.57 ? 24 GLN A HB3  1 
ATOM 321 H HG2  . GLN A 1 24 ? -2.398  -1.071  11.838  1.00 2.08 ? 24 GLN A HG2  1 
ATOM 322 H HG3  . GLN A 1 24 ? -2.385  -2.699  11.162  1.00 2.00 ? 24 GLN A HG3  1 
ATOM 323 H HE21 . GLN A 1 24 ? 0.283   -3.466  11.711  1.00 2.93 ? 24 GLN A HE21 1 
ATOM 324 H HE22 . GLN A 1 24 ? 0.506   -3.536  13.393  1.00 3.04 ? 24 GLN A HE22 1 
ATOM 325 N N    . GLY A 1 25 ? -2.776  1.203   10.244  1.00 0.88 ? 25 GLY A N    1 
ATOM 326 C CA   . GLY A 1 25 ? -2.975  2.604   10.697  1.00 0.99 ? 25 GLY A CA   1 
ATOM 327 C C    . GLY A 1 25 ? -3.374  3.499   9.524   1.00 0.82 ? 25 GLY A C    1 
ATOM 328 O O    . GLY A 1 25 ? -3.817  4.614   9.716   1.00 0.97 ? 25 GLY A O    1 
ATOM 329 H H    . GLY A 1 25 ? -3.530  0.578   10.232  1.00 1.13 ? 25 GLY A H    1 
ATOM 330 H HA2  . GLY A 1 25 ? -3.754  2.629   11.445  1.00 1.17 ? 25 GLY A HA2  1 
ATOM 331 H HA3  . GLY A 1 25 ? -2.057  2.973   11.127  1.00 1.47 ? 25 GLY A HA3  1 
ATOM 332 N N    . ASN A 1 26 ? -3.212  2.997   8.327   1.00 0.57 ? 26 ASN A N    1 
ATOM 333 C CA   . ASN A 1 26 ? -3.575  3.827   7.142   1.00 0.45 ? 26 ASN A CA   1 
ATOM 334 C C    . ASN A 1 26 ? -4.076  2.952   5.986   1.00 0.44 ? 26 ASN A C    1 
ATOM 335 O O    . ASN A 1 26 ? -4.231  1.754   6.124   1.00 0.54 ? 26 ASN A O    1 
ATOM 336 C CB   . ASN A 1 26 ? -2.340  4.601   6.680   1.00 0.46 ? 26 ASN A CB   1 
ATOM 337 C CG   . ASN A 1 26 ? -1.143  4.233   7.563   1.00 0.87 ? 26 ASN A CG   1 
ATOM 338 O OD1  . ASN A 1 26 ? -0.238  3.537   7.144   1.00 1.67 ? 26 ASN A OD1  1 
ATOM 339 N ND2  . ASN A 1 26 ? -1.100  4.679   8.786   1.00 1.33 ? 26 ASN A ND2  1 
ATOM 340 H H    . ASN A 1 26 ? -2.854  2.093   8.211   1.00 0.50 ? 26 ASN A H    1 
ATOM 341 H HA   . ASN A 1 26 ? -4.345  4.526   7.420   1.00 0.45 ? 26 ASN A HA   1 
ATOM 342 H HB2  . ASN A 1 26 ? -2.117  4.349   5.654   1.00 0.55 ? 26 ASN A HB2  1 
ATOM 343 H HB3  . ASN A 1 26 ? -2.525  5.660   6.756   1.00 0.54 ? 26 ASN A HB3  1 
ATOM 344 H HD21 . ASN A 1 26 ? -1.821  5.245   9.127   1.00 1.81 ? 26 ASN A HD21 1 
ATOM 345 H HD22 . ASN A 1 26 ? -0.342  4.450   9.364   1.00 1.81 ? 26 ASN A HD22 1 
ATOM 346 N N    . LYS A 1 27 ? -4.318  3.586   4.867   1.00 0.41 ? 27 LYS A N    1 
ATOM 347 C CA   . LYS A 1 27 ? -4.802  2.844   3.663   1.00 0.44 ? 27 LYS A CA   1 
ATOM 348 C C    . LYS A 1 27 ? -3.932  3.226   2.460   1.00 0.38 ? 27 LYS A C    1 
ATOM 349 O O    . LYS A 1 27 ? -3.520  4.362   2.339   1.00 0.71 ? 27 LYS A O    1 
ATOM 350 C CB   . LYS A 1 27 ? -6.256  3.235   3.394   1.00 0.56 ? 27 LYS A CB   1 
ATOM 351 C CG   . LYS A 1 27 ? -6.980  2.078   2.702   1.00 0.77 ? 27 LYS A CG   1 
ATOM 352 C CD   . LYS A 1 27 ? -8.409  2.521   2.357   1.00 0.73 ? 27 LYS A CD   1 
ATOM 353 C CE   . LYS A 1 27 ? -8.527  2.753   0.846   1.00 0.72 ? 27 LYS A CE   1 
ATOM 354 N NZ   . LYS A 1 27 ? -8.645  1.452   0.127   1.00 1.04 ? 27 LYS A NZ   1 
ATOM 355 H H    . LYS A 1 27 ? -4.179  4.556   4.817   1.00 0.41 ? 27 LYS A H    1 
ATOM 356 H HA   . LYS A 1 27 ? -4.736  1.784   3.835   1.00 0.51 ? 27 LYS A HA   1 
ATOM 357 H HB2  . LYS A 1 27 ? -6.745  3.459   4.330   1.00 0.88 ? 27 LYS A HB2  1 
ATOM 358 H HB3  . LYS A 1 27 ? -6.284  4.109   2.763   1.00 0.84 ? 27 LYS A HB3  1 
ATOM 359 H HG2  . LYS A 1 27 ? -6.452  1.803   1.803   1.00 1.14 ? 27 LYS A HG2  1 
ATOM 360 H HG3  . LYS A 1 27 ? -7.016  1.228   3.366   1.00 1.25 ? 27 LYS A HG3  1 
ATOM 361 H HD2  . LYS A 1 27 ? -9.107  1.758   2.660   1.00 1.05 ? 27 LYS A HD2  1 
ATOM 362 H HD3  . LYS A 1 27 ? -8.638  3.437   2.883   1.00 0.98 ? 27 LYS A HD3  1 
ATOM 363 H HE2  . LYS A 1 27 ? -9.406  3.348   0.641   1.00 1.15 ? 27 LYS A HE2  1 
ATOM 364 H HE3  . LYS A 1 27 ? -7.656  3.280   0.486   1.00 1.03 ? 27 LYS A HE3  1 
ATOM 365 H HZ1  . LYS A 1 27 ? -8.096  0.727   0.631   1.00 1.65 ? 27 LYS A HZ1  1 
ATOM 366 H HZ2  . LYS A 1 27 ? -9.645  1.165   0.091   1.00 1.57 ? 27 LYS A HZ2  1 
ATOM 367 H HZ3  . LYS A 1 27 ? -8.279  1.553   -0.841  1.00 1.48 ? 27 LYS A HZ3  1 
ATOM 368 N N    . CYS A 1 28 ? -3.674  2.274   1.596   1.00 0.29 ? 28 CYS A N    1 
ATOM 369 C CA   . CYS A 1 28 ? -2.812  2.574   0.407   1.00 0.28 ? 28 CYS A CA   1 
ATOM 370 C C    . CYS A 1 28 ? -3.586  2.406   -0.903  1.00 0.28 ? 28 CYS A C    1 
ATOM 371 O O    . CYS A 1 28 ? -4.393  1.508   -1.049  1.00 0.34 ? 28 CYS A O    1 
ATOM 372 C CB   . CYS A 1 28 ? -1.617  1.626   0.408   1.00 0.37 ? 28 CYS A CB   1 
ATOM 373 S SG   . CYS A 1 28 ? 0.009   2.346   0.753   1.00 0.92 ? 28 CYS A SG   1 
ATOM 374 H H    . CYS A 1 28 ? -4.038  1.374   1.728   1.00 0.53 ? 28 CYS A H    1 
ATOM 375 H HA   . CYS A 1 28 ? -2.451  3.584   0.469   1.00 0.30 ? 28 CYS A HA   1 
ATOM 376 H HB2  . CYS A 1 28 ? -1.797  0.857   1.143   1.00 0.74 ? 28 CYS A HB2  1 
ATOM 377 H HB3  . CYS A 1 28 ? -1.566  1.147   -0.560  1.00 0.59 ? 28 CYS A HB3  1 
ATOM 378 N N    . ILE A 1 29 ? -3.314  3.292   -1.824  1.00 0.29 ? 29 ILE A N    1 
ATOM 379 C CA   . ILE A 1 29 ? -3.983  3.231   -3.159  1.00 0.32 ? 29 ILE A CA   1 
ATOM 380 C C    . ILE A 1 29 ? -2.904  3.160   -4.243  1.00 0.35 ? 29 ILE A C    1 
ATOM 381 O O    . ILE A 1 29 ? -1.940  3.898   -4.206  1.00 0.36 ? 29 ILE A O    1 
ATOM 382 C CB   . ILE A 1 29 ? -4.829  4.500   -3.356  1.00 0.38 ? 29 ILE A CB   1 
ATOM 383 C CG1  . ILE A 1 29 ? -5.990  4.533   -2.331  1.00 0.50 ? 29 ILE A CG1  1 
ATOM 384 C CG2  . ILE A 1 29 ? -5.387  4.530   -4.784  1.00 0.48 ? 29 ILE A CG2  1 
ATOM 385 C CD1  . ILE A 1 29 ? -6.874  3.276   -2.459  1.00 0.62 ? 29 ILE A CD1  1 
ATOM 386 H H    . ILE A 1 29 ? -2.665  4.003   -1.638  1.00 0.33 ? 29 ILE A H    1 
ATOM 387 H HA   . ILE A 1 29 ? -4.607  2.359   -3.217  1.00 0.31 ? 29 ILE A HA   1 
ATOM 388 H HB   . ILE A 1 29 ? -4.203  5.366   -3.205  1.00 0.51 ? 29 ILE A HB   1 
ATOM 389 H HG12 . ILE A 1 29 ? -5.584  4.581   -1.331  1.00 0.58 ? 29 ILE A HG12 1 
ATOM 390 H HG13 . ILE A 1 29 ? -6.594  5.413   -2.503  1.00 0.59 ? 29 ILE A HG13 1 
ATOM 391 H HG21 . ILE A 1 29 ? -5.343  3.542   -5.213  1.00 1.06 ? 29 ILE A HG21 1 
ATOM 392 H HG22 . ILE A 1 29 ? -6.413  4.867   -4.767  1.00 1.07 ? 29 ILE A HG22 1 
ATOM 393 H HG23 . ILE A 1 29 ? -4.802  5.207   -5.389  1.00 1.24 ? 29 ILE A HG23 1 
ATOM 394 H HD11 . ILE A 1 29 ? -6.872  2.917   -3.476  1.00 1.10 ? 29 ILE A HD11 1 
ATOM 395 H HD12 . ILE A 1 29 ? -6.500  2.499   -1.809  1.00 1.25 ? 29 ILE A HD12 1 
ATOM 396 H HD13 . ILE A 1 29 ? -7.889  3.514   -2.174  1.00 1.04 ? 29 ILE A HD13 1 
ATOM 397 N N    . LEU A 1 30 ? -3.084  2.283   -5.189  1.00 0.50 ? 30 LEU A N    1 
ATOM 398 C CA   . LEU A 1 30 ? -2.051  2.158   -6.260  1.00 0.58 ? 30 LEU A CA   1 
ATOM 399 C C    . LEU A 1 30 ? -2.213  3.281   -7.297  1.00 0.60 ? 30 LEU A C    1 
ATOM 400 O O    . LEU A 1 30 ? -2.939  4.231   -7.078  1.00 0.74 ? 30 LEU A O    1 
ATOM 401 C CB   . LEU A 1 30 ? -2.190  0.783   -6.944  1.00 0.90 ? 30 LEU A CB   1 
ATOM 402 C CG   . LEU A 1 30 ? -1.297  -0.257  -6.230  1.00 0.52 ? 30 LEU A CG   1 
ATOM 403 C CD1  . LEU A 1 30 ? -1.531  -1.631  -6.864  1.00 0.81 ? 30 LEU A CD1  1 
ATOM 404 C CD2  . LEU A 1 30 ? 0.187   0.116   -6.392  1.00 0.85 ? 30 LEU A CD2  1 
ATOM 405 H H    . LEU A 1 30 ? -3.881  1.714   -5.197  1.00 0.58 ? 30 LEU A H    1 
ATOM 406 H HA   . LEU A 1 30 ? -1.081  2.239   -5.811  1.00 0.55 ? 30 LEU A HA   1 
ATOM 407 H HB2  . LEU A 1 30 ? -3.220  0.465   -6.895  1.00 1.34 ? 30 LEU A HB2  1 
ATOM 408 H HB3  . LEU A 1 30 ? -1.898  0.855   -7.979  1.00 1.33 ? 30 LEU A HB3  1 
ATOM 409 H HG   . LEU A 1 30 ? -1.549  -0.294  -5.181  1.00 0.48 ? 30 LEU A HG   1 
ATOM 410 H HD11 . LEU A 1 30 ? -2.580  -1.768  -7.058  1.00 1.35 ? 30 LEU A HD11 1 
ATOM 411 H HD12 . LEU A 1 30 ? -0.988  -1.702  -7.796  1.00 1.30 ? 30 LEU A HD12 1 
ATOM 412 H HD13 . LEU A 1 30 ? -1.188  -2.405  -6.194  1.00 1.33 ? 30 LEU A HD13 1 
ATOM 413 H HD21 . LEU A 1 30 ? 0.306   0.803   -7.217  1.00 1.35 ? 30 LEU A HD21 1 
ATOM 414 H HD22 . LEU A 1 30 ? 0.544   0.583   -5.487  1.00 1.37 ? 30 LEU A HD22 1 
ATOM 415 H HD23 . LEU A 1 30 ? 0.770   -0.773  -6.583  1.00 1.44 ? 30 LEU A HD23 1 
ATOM 416 N N    . GLY A 1 31 ? -1.510  3.141   -8.396  1.00 0.58 ? 31 GLY A N    1 
ATOM 417 C CA   . GLY A 1 31 ? -1.563  4.173   -9.480  1.00 0.76 ? 31 GLY A CA   1 
ATOM 418 C C    . GLY A 1 31 ? -2.936  4.838   -9.578  1.00 1.69 ? 31 GLY A C    1 
ATOM 419 O O    . GLY A 1 31 ? -3.896  4.233   -10.010 1.00 2.25 ? 31 GLY A O    1 
ATOM 420 H H    . GLY A 1 31 ? -0.940  2.350   -8.510  1.00 0.54 ? 31 GLY A H    1 
ATOM 421 H HA2  . GLY A 1 31 ? -0.821  4.929   -9.279  1.00 1.15 ? 31 GLY A HA2  1 
ATOM 422 H HA3  . GLY A 1 31 ? -1.336  3.700   -10.423 1.00 1.29 ? 31 GLY A HA3  1 
ATOM 423 N N    . SER A 1 32 ? -2.998  6.078   -9.165  1.00 2.26 ? 32 SER A N    1 
ATOM 424 C CA   . SER A 1 32 ? -4.293  6.817   -9.244  1.00 3.53 ? 32 SER A CA   1 
ATOM 425 C C    . SER A 1 32 ? -4.646  7.045   -10.715 1.00 4.08 ? 32 SER A C    1 
ATOM 426 O O    . SER A 1 32 ? -5.277  6.217   -11.339 1.00 4.25 ? 32 SER A O    1 
ATOM 427 C CB   . SER A 1 32 ? -4.141  8.164   -8.539  1.00 4.09 ? 32 SER A CB   1 
ATOM 428 O OG   . SER A 1 32 ? -4.561  7.910   -7.208  1.00 4.57 ? 32 SER A OG   1 
ATOM 429 H H    . SER A 1 32 ? -2.200  6.518   -8.804  1.00 2.01 ? 32 SER A H    1 
ATOM 430 H HA   . SER A 1 32 ? -5.068  6.240   -8.768  1.00 4.02 ? 32 SER A HA   1 
ATOM 431 H HB2  . SER A 1 32 ? -3.109  8.487   -8.549  1.00 4.13 ? 32 SER A HB2  1 
ATOM 432 H HB3  . SER A 1 32 ? -4.774  8.907   -8.997  1.00 4.49 ? 32 SER A HB3  1 
ATOM 433 H HG   . SER A 1 32 ? -3.957  8.363   -6.613  1.00 4.82 ? 32 SER A HG   1 
ATOM 434 N N    . ASP A 1 33 ? -4.213  8.164   -11.235 1.00 4.56 ? 33 ASP A N    1 
ATOM 435 C CA   . ASP A 1 33 ? -4.477  8.468   -12.671 1.00 5.37 ? 33 ASP A CA   1 
ATOM 436 C C    . ASP A 1 33 ? -3.169  8.288   -13.455 1.00 4.99 ? 33 ASP A C    1 
ATOM 437 O O    . ASP A 1 33 ? -2.454  9.234   -13.724 1.00 5.08 ? 33 ASP A O    1 
ATOM 438 C CB   . ASP A 1 33 ? -4.989  9.911   -12.797 1.00 6.08 ? 33 ASP A CB   1 
ATOM 439 C CG   . ASP A 1 33 ? -6.399  9.896   -13.382 1.00 6.82 ? 33 ASP A CG   1 
ATOM 440 O OD1  . ASP A 1 33 ? -6.531  9.335   -14.463 1.00 7.18 ? 33 ASP A OD1  1 
ATOM 441 O OD2  . ASP A 1 33 ? -7.265  10.437  -12.722 1.00 7.21 ? 33 ASP A OD2  1 
ATOM 442 H H    . ASP A 1 33 ? -3.718  8.806   -10.682 1.00 4.52 ? 33 ASP A H    1 
ATOM 443 H HA   . ASP A 1 33 ? -5.221  7.787   -13.057 1.00 5.96 ? 33 ASP A HA   1 
ATOM 444 H HB2  . ASP A 1 33 ? -5.012  10.375  -11.827 1.00 6.12 ? 33 ASP A HB2  1 
ATOM 445 H HB3  . ASP A 1 33 ? -4.346  10.479  -13.453 1.00 6.30 ? 33 ASP A HB3  1 
ATOM 446 N N    . GLY A 1 34 ? -2.869  7.062   -13.788 1.00 4.80 ? 34 GLY A N    1 
ATOM 447 C CA   . GLY A 1 34 ? -1.603  6.802   -14.523 1.00 4.90 ? 34 GLY A CA   1 
ATOM 448 C C    . GLY A 1 34 ? -0.423  7.240   -13.656 1.00 4.08 ? 34 GLY A C    1 
ATOM 449 O O    . GLY A 1 34 ? 0.707   7.270   -14.099 1.00 4.45 ? 34 GLY A O    1 
ATOM 450 H H    . GLY A 1 34 ? -3.471  6.324   -13.561 1.00 4.78 ? 34 GLY A H    1 
ATOM 451 H HA2  . GLY A 1 34 ? -1.520  5.747   -14.738 1.00 5.41 ? 34 GLY A HA2  1 
ATOM 452 H HA3  . GLY A 1 34 ? -1.598  7.358   -15.450 1.00 5.35 ? 34 GLY A HA3  1 
ATOM 453 N N    . GLU A 1 35 ? -0.723  7.573   -12.425 1.00 3.23 ? 35 GLU A N    1 
ATOM 454 C CA   . GLU A 1 35 ? 0.356   8.024   -11.495 1.00 2.68 ? 35 GLU A CA   1 
ATOM 455 C C    . GLU A 1 35 ? 0.874   6.849   -10.658 1.00 2.04 ? 35 GLU A C    1 
ATOM 456 O O    . GLU A 1 35 ? 0.617   5.703   -10.963 1.00 2.47 ? 35 GLU A O    1 
ATOM 457 C CB   . GLU A 1 35 ? -0.206  9.093   -10.560 1.00 2.70 ? 35 GLU A CB   1 
ATOM 458 C CG   . GLU A 1 35 ? -0.989  10.120  -11.377 1.00 3.60 ? 35 GLU A CG   1 
ATOM 459 C CD   . GLU A 1 35 ? -0.960  11.468  -10.656 1.00 4.16 ? 35 GLU A CD   1 
ATOM 460 O OE1  . GLU A 1 35 ? 0.123   12.028  -10.597 1.00 4.61 ? 35 GLU A OE1  1 
ATOM 461 O OE2  . GLU A 1 35 ? -2.023  11.863  -10.204 1.00 4.56 ? 35 GLU A OE2  1 
ATOM 462 H H    . GLU A 1 35 ? -1.653  7.527   -12.116 1.00 3.22 ? 35 GLU A H    1 
ATOM 463 H HA   . GLU A 1 35 ? 1.166   8.442   -12.064 1.00 3.21 ? 35 GLU A HA   1 
ATOM 464 H HB2  . GLU A 1 35 ? -0.861  8.631   -9.835  1.00 2.58 ? 35 GLU A HB2  1 
ATOM 465 H HB3  . GLU A 1 35 ? 0.604   9.583   -10.042 1.00 2.81 ? 35 GLU A HB3  1 
ATOM 466 H HG2  . GLU A 1 35 ? -0.544  10.228  -12.355 1.00 3.97 ? 35 GLU A HG2  1 
ATOM 467 H HG3  . GLU A 1 35 ? -2.014  9.797   -11.484 1.00 3.92 ? 35 GLU A HG3  1 
ATOM 468 N N    . LYS A 1 36 ? 1.604   7.168   -9.621  1.00 1.41 ? 36 LYS A N    1 
ATOM 469 C CA   . LYS A 1 36 ? 2.156   6.093   -8.746  1.00 0.95 ? 36 LYS A CA   1 
ATOM 470 C C    . LYS A 1 36 ? 1.207   5.809   -7.570  1.00 0.91 ? 36 LYS A C    1 
ATOM 471 O O    . LYS A 1 36 ? 0.073   6.244   -7.563  1.00 1.46 ? 36 LYS A O    1 
ATOM 472 C CB   . LYS A 1 36 ? 3.509   6.545   -8.216  1.00 1.35 ? 36 LYS A CB   1 
ATOM 473 C CG   . LYS A 1 36 ? 4.119   7.536   -9.210  1.00 1.66 ? 36 LYS A CG   1 
ATOM 474 C CD   . LYS A 1 36 ? 5.623   7.637   -8.968  1.00 2.42 ? 36 LYS A CD   1 
ATOM 475 C CE   . LYS A 1 36 ? 6.192   8.767   -9.833  1.00 3.22 ? 36 LYS A CE   1 
ATOM 476 N NZ   . LYS A 1 36 ? 5.385   8.923   -11.079 1.00 3.89 ? 36 LYS A NZ   1 
ATOM 477 H H    . LYS A 1 36 ? 1.786   8.110   -9.418  1.00 1.64 ? 36 LYS A H    1 
ATOM 478 H HA   . LYS A 1 36 ? 2.285   5.193   -9.325  1.00 1.12 ? 36 LYS A HA   1 
ATOM 479 H HB2  . LYS A 1 36 ? 3.384   7.023   -7.256  1.00 1.89 ? 36 LYS A HB2  1 
ATOM 480 H HB3  . LYS A 1 36 ? 4.161   5.692   -8.106  1.00 1.75 ? 36 LYS A HB3  1 
ATOM 481 H HG2  . LYS A 1 36 ? 3.937   7.196   -10.219 1.00 1.92 ? 36 LYS A HG2  1 
ATOM 482 H HG3  . LYS A 1 36 ? 3.663   8.508   -9.079  1.00 1.89 ? 36 LYS A HG3  1 
ATOM 483 H HD2  . LYS A 1 36 ? 5.810   7.846   -7.924  1.00 2.68 ? 36 LYS A HD2  1 
ATOM 484 H HD3  . LYS A 1 36 ? 6.096   6.703   -9.233  1.00 2.86 ? 36 LYS A HD3  1 
ATOM 485 H HE2  . LYS A 1 36 ? 6.169   9.694   -9.280  1.00 3.39 ? 36 LYS A HE2  1 
ATOM 486 H HE3  . LYS A 1 36 ? 7.215   8.540   -10.100 1.00 3.75 ? 36 LYS A HE3  1 
ATOM 487 H HZ1  . LYS A 1 36 ? 5.057   7.989   -11.397 1.00 4.26 ? 36 LYS A HZ1  1 
ATOM 488 H HZ2  . LYS A 1 36 ? 4.564   9.532   -10.888 1.00 4.17 ? 36 LYS A HZ2  1 
ATOM 489 H HZ3  . LYS A 1 36 ? 5.972   9.354   -11.821 1.00 4.20 ? 36 LYS A HZ3  1 
ATOM 490 N N    . ASN A 1 37 ? 1.704   5.094   -6.594  1.00 0.58 ? 37 ASN A N    1 
ATOM 491 C CA   . ASN A 1 37 ? 0.854   4.756   -5.412  1.00 0.50 ? 37 ASN A CA   1 
ATOM 492 C C    . ASN A 1 37 ? 0.867   5.901   -4.390  1.00 0.48 ? 37 ASN A C    1 
ATOM 493 O O    . ASN A 1 37 ? 1.688   6.793   -4.461  1.00 0.72 ? 37 ASN A O    1 
ATOM 494 C CB   . ASN A 1 37 ? 1.405   3.489   -4.762  1.00 0.56 ? 37 ASN A CB   1 
ATOM 495 C CG   . ASN A 1 37 ? 2.108   2.642   -5.827  1.00 1.09 ? 37 ASN A CG   1 
ATOM 496 O OD1  . ASN A 1 37 ? 1.763   2.676   -6.992  1.00 1.59 ? 37 ASN A OD1  1 
ATOM 497 N ND2  . ASN A 1 37 ? 3.098   1.870   -5.469  1.00 1.51 ? 37 ASN A ND2  1 
ATOM 498 H H    . ASN A 1 37 ? 2.632   4.780   -6.636  1.00 0.83 ? 37 ASN A H    1 
ATOM 499 H HA   . ASN A 1 37 ? -0.157  4.577   -5.736  1.00 0.50 ? 37 ASN A HA   1 
ATOM 500 H HB2  . ASN A 1 37 ? 2.115   3.752   -3.993  1.00 0.95 ? 37 ASN A HB2  1 
ATOM 501 H HB3  . ASN A 1 37 ? 0.598   2.918   -4.325  1.00 0.80 ? 37 ASN A HB3  1 
ATOM 502 H HD21 . ASN A 1 37 ? 3.381   1.840   -4.533  1.00 1.96 ? 37 ASN A HD21 1 
ATOM 503 H HD22 . ASN A 1 37 ? 3.555   1.319   -6.139  1.00 1.92 ? 37 ASN A HD22 1 
ATOM 504 N N    . GLN A 1 38 ? -0.050  5.843   -3.454  1.00 0.37 ? 38 GLN A N    1 
ATOM 505 C CA   . GLN A 1 38 ? -0.114  6.914   -2.413  1.00 0.37 ? 38 GLN A CA   1 
ATOM 506 C C    . GLN A 1 38 ? -0.623  6.333   -1.084  1.00 0.32 ? 38 GLN A C    1 
ATOM 507 O O    . GLN A 1 38 ? -1.467  5.458   -1.071  1.00 0.42 ? 38 GLN A O    1 
ATOM 508 C CB   . GLN A 1 38 ? -1.066  8.012   -2.884  1.00 0.49 ? 38 GLN A CB   1 
ATOM 509 C CG   . GLN A 1 38 ? -1.237  9.044   -1.766  1.00 0.59 ? 38 GLN A CG   1 
ATOM 510 C CD   . GLN A 1 38 ? -1.428  10.431  -2.380  1.00 0.87 ? 38 GLN A CD   1 
ATOM 511 O OE1  . GLN A 1 38 ? -0.493  11.193  -2.522  1.00 1.48 ? 38 GLN A OE1  1 
ATOM 512 N NE2  . GLN A 1 38 ? -2.620  10.798  -2.759  1.00 1.46 ? 38 GLN A NE2  1 
ATOM 513 H H    . GLN A 1 38 ? -0.691  5.103   -3.441  1.00 0.49 ? 38 GLN A H    1 
ATOM 514 H HA   . GLN A 1 38 ? 0.867   7.331   -2.268  1.00 0.42 ? 38 GLN A HA   1 
ATOM 515 H HB2  . GLN A 1 38 ? -0.659  8.494   -3.761  1.00 0.56 ? 38 GLN A HB2  1 
ATOM 516 H HB3  . GLN A 1 38 ? -2.025  7.582   -3.130  1.00 0.54 ? 38 GLN A HB3  1 
ATOM 517 H HG2  . GLN A 1 38 ? -2.102  8.795   -1.168  1.00 0.66 ? 38 GLN A HG2  1 
ATOM 518 H HG3  . GLN A 1 38 ? -0.359  9.050   -1.136  1.00 0.62 ? 38 GLN A HG3  1 
ATOM 519 H HE21 . GLN A 1 38 ? -3.379  10.187  -2.649  1.00 1.91 ? 38 GLN A HE21 1 
ATOM 520 H HE22 . GLN A 1 38 ? -2.759  11.684  -3.155  1.00 2.00 ? 38 GLN A HE22 1 
ATOM 521 N N    . CYS A 1 39 ? -0.097  6.835   0.005   1.00 0.32 ? 39 CYS A N    1 
ATOM 522 C CA   . CYS A 1 39 ? -0.540  6.323   1.341   1.00 0.31 ? 39 CYS A CA   1 
ATOM 523 C C    . CYS A 1 39 ? -1.599  7.255   1.944   1.00 0.32 ? 39 CYS A C    1 
ATOM 524 O O    . CYS A 1 39 ? -1.270  8.265   2.534   1.00 0.42 ? 39 CYS A O    1 
ATOM 525 C CB   . CYS A 1 39 ? 0.662   6.257   2.285   1.00 0.38 ? 39 CYS A CB   1 
ATOM 526 S SG   . CYS A 1 39 ? 2.189   5.521   1.650   1.00 0.99 ? 39 CYS A SG   1 
ATOM 527 H H    . CYS A 1 39 ? 0.582   7.539   -0.054  1.00 0.42 ? 39 CYS A H    1 
ATOM 528 H HA   . CYS A 1 39 ? -0.956  5.337   1.226   1.00 0.29 ? 39 CYS A HA   1 
ATOM 529 H HB2  . CYS A 1 39 ? 0.893   7.263   2.604   1.00 0.59 ? 39 CYS A HB2  1 
ATOM 530 H HB3  . CYS A 1 39 ? 0.370   5.698   3.161   1.00 0.63 ? 39 CYS A HB3  1 
ATOM 531 N N    . VAL A 1 40 ? -2.846  6.889   1.785   1.00 0.33 ? 40 VAL A N    1 
ATOM 532 C CA   . VAL A 1 40 ? -3.945  7.739   2.348   1.00 0.40 ? 40 VAL A CA   1 
ATOM 533 C C    . VAL A 1 40 ? -4.541  7.076   3.596   1.00 0.34 ? 40 VAL A C    1 
ATOM 534 O O    . VAL A 1 40 ? -4.798  5.889   3.607   1.00 0.40 ? 40 VAL A O    1 
ATOM 535 C CB   . VAL A 1 40 ? -5.037  7.910   1.293   1.00 0.49 ? 40 VAL A CB   1 
ATOM 536 C CG1  . VAL A 1 40 ? -5.298  6.565   0.614   1.00 0.50 ? 40 VAL A CG1  1 
ATOM 537 C CG2  . VAL A 1 40 ? -6.321  8.389   1.973   1.00 0.61 ? 40 VAL A CG2  1 
ATOM 538 H H    . VAL A 1 40 ? -3.060  6.065   1.299   1.00 0.36 ? 40 VAL A H    1 
ATOM 539 H HA   . VAL A 1 40 ? -3.554  8.705   2.611   1.00 0.49 ? 40 VAL A HA   1 
ATOM 540 H HB   . VAL A 1 40 ? -4.724  8.634   0.556   1.00 0.60 ? 40 VAL A HB   1 
ATOM 541 H HG11 . VAL A 1 40 ? -5.512  5.816   1.359   1.00 1.13 ? 40 VAL A HG11 1 
ATOM 542 H HG12 . VAL A 1 40 ? -6.141  6.652   -0.056  1.00 1.14 ? 40 VAL A HG12 1 
ATOM 543 H HG13 . VAL A 1 40 ? -4.426  6.266   0.052   1.00 1.12 ? 40 VAL A HG13 1 
ATOM 544 H HG21 . VAL A 1 40 ? -6.081  9.103   2.745   1.00 1.05 ? 40 VAL A HG21 1 
ATOM 545 H HG22 . VAL A 1 40 ? -6.967  8.857   1.244   1.00 1.13 ? 40 VAL A HG22 1 
ATOM 546 H HG23 . VAL A 1 40 ? -6.836  7.547   2.416   1.00 1.24 ? 40 VAL A HG23 1 
ATOM 547 N N    . THR A 1 41 ? -4.749  7.857   4.620   1.00 0.41 ? 41 THR A N    1 
ATOM 548 C CA   . THR A 1 41 ? -5.320  7.281   5.875   1.00 0.44 ? 41 THR A CA   1 
ATOM 549 C C    . THR A 1 41 ? -6.702  6.672   5.601   1.00 0.44 ? 41 THR A C    1 
ATOM 550 O O    . THR A 1 41 ? -7.490  7.221   4.858   1.00 0.57 ? 41 THR A O    1 
ATOM 551 C CB   . THR A 1 41 ? -5.445  8.391   6.922   1.00 0.55 ? 41 THR A CB   1 
ATOM 552 O OG1  . THR A 1 41 ? -5.511  7.704   8.169   1.00 0.67 ? 41 THR A OG1  1 
ATOM 553 C CG2  . THR A 1 41 ? -6.771  9.135   6.802   1.00 0.70 ? 41 THR A CG2  1 
ATOM 554 H H    . THR A 1 41 ? -4.529  8.811   4.568   1.00 0.51 ? 41 THR A H    1 
ATOM 555 H HA   . THR A 1 41 ? -4.661  6.517   6.245   1.00 0.48 ? 41 THR A HA   1 
ATOM 556 H HB   . THR A 1 41 ? -4.612  9.069   6.894   1.00 0.66 ? 41 THR A HB   1 
ATOM 557 H HG1  . THR A 1 41 ? -6.201  8.112   8.696   1.00 1.12 ? 41 THR A HG1  1 
ATOM 558 H HG21 . THR A 1 41 ? -6.981  9.339   5.763   1.00 1.34 ? 41 THR A HG21 1 
ATOM 559 H HG22 . THR A 1 41 ? -7.567  8.532   7.215   1.00 1.18 ? 41 THR A HG22 1 
ATOM 560 H HG23 . THR A 1 41 ? -6.716  10.067  7.343   1.00 1.25 ? 41 THR A HG23 1 
ATOM 561 N N    . GLY A 1 42 ? -6.963  5.544   6.208   1.00 0.49 ? 42 GLY A N    1 
ATOM 562 C CA   . GLY A 1 42 ? -8.285  4.886   5.998   1.00 0.55 ? 42 GLY A CA   1 
ATOM 563 C C    . GLY A 1 42 ? -8.266  3.454   6.545   1.00 0.64 ? 42 GLY A C    1 
ATOM 564 O O    . GLY A 1 42 ? -7.592  3.170   7.516   1.00 0.97 ? 42 GLY A O    1 
ATOM 565 H H    . GLY A 1 42 ? -6.294  5.132   6.795   1.00 0.61 ? 42 GLY A H    1 
ATOM 566 H HA2  . GLY A 1 42 ? -9.048  5.453   6.511   1.00 1.17 ? 42 GLY A HA2  1 
ATOM 567 H HA3  . GLY A 1 42 ? -8.509  4.863   4.942   1.00 1.09 ? 42 GLY A HA3  1 
ATOM 568 N N    . GLU A 1 43 ? -9.009  2.584   5.903   1.00 0.67 ? 43 GLU A N    1 
ATOM 569 C CA   . GLU A 1 43 ? -9.059  1.157   6.364   1.00 0.81 ? 43 GLU A CA   1 
ATOM 570 C C    . GLU A 1 43 ? -8.681  0.216   5.215   1.00 0.69 ? 43 GLU A C    1 
ATOM 571 O O    . GLU A 1 43 ? -9.422  0.072   4.263   1.00 0.89 ? 43 GLU A O    1 
ATOM 572 C CB   . GLU A 1 43 ? -10.479 0.837   6.830   1.00 1.13 ? 43 GLU A CB   1 
ATOM 573 C CG   . GLU A 1 43 ? -10.502 0.758   8.358   1.00 1.66 ? 43 GLU A CG   1 
ATOM 574 C CD   . GLU A 1 43 ? -11.927 0.455   8.825   1.00 2.14 ? 43 GLU A CD   1 
ATOM 575 O OE1  . GLU A 1 43 ? -12.431 -0.570  8.395   1.00 2.47 ? 43 GLU A OE1  1 
ATOM 576 O OE2  . GLU A 1 43 ? -12.431 1.265   9.585   1.00 2.81 ? 43 GLU A OE2  1 
ATOM 577 H H    . GLU A 1 43 ? -9.530  2.865   5.123   1.00 0.83 ? 43 GLU A H    1 
ATOM 578 H HA   . GLU A 1 43 ? -8.375  1.014   7.182   1.00 0.92 ? 43 GLU A HA   1 
ATOM 579 H HB2  . GLU A 1 43 ? -11.153 1.611   6.496   1.00 1.51 ? 43 GLU A HB2  1 
ATOM 580 H HB3  . GLU A 1 43 ? -10.793 -0.109  6.413   1.00 1.58 ? 43 GLU A HB3  1 
ATOM 581 H HG2  . GLU A 1 43 ? -9.841  -0.027  8.694   1.00 2.21 ? 43 GLU A HG2  1 
ATOM 582 H HG3  . GLU A 1 43 ? -10.181 1.700   8.778   1.00 2.17 ? 43 GLU A HG3  1 
ATOM 583 N N    . GLY A 1 44 ? -7.533  -0.407  5.336   1.00 0.65 ? 44 GLY A N    1 
ATOM 584 C CA   . GLY A 1 44 ? -7.078  -1.345  4.260   1.00 0.66 ? 44 GLY A CA   1 
ATOM 585 C C    . GLY A 1 44 ? -6.711  -2.706  4.854   1.00 0.61 ? 44 GLY A C    1 
ATOM 586 O O    . GLY A 1 44 ? -6.419  -2.819  6.027   1.00 0.74 ? 44 GLY A O    1 
ATOM 587 H H    . GLY A 1 44 ? -6.974  -0.260  6.127   1.00 0.84 ? 44 GLY A H    1 
ATOM 588 H HA2  . GLY A 1 44 ? -7.865  -1.476  3.535   1.00 1.18 ? 44 GLY A HA2  1 
ATOM 589 H HA3  . GLY A 1 44 ? -6.210  -0.930  3.771   1.00 1.26 ? 44 GLY A HA3  1 
ATOM 590 N N    . THR A 1 45 ? -6.734  -3.714  4.023   1.00 0.60 ? 45 THR A N    1 
ATOM 591 C CA   . THR A 1 45 ? -6.385  -5.079  4.514   1.00 0.60 ? 45 THR A CA   1 
ATOM 592 C C    . THR A 1 45 ? -4.887  -5.358  4.217   1.00 0.54 ? 45 THR A C    1 
ATOM 593 O O    . THR A 1 45 ? -4.369  -4.889  3.223   1.00 0.53 ? 45 THR A O    1 
ATOM 594 C CB   . THR A 1 45 ? -7.276  -6.100  3.778   1.00 0.63 ? 45 THR A CB   1 
ATOM 595 O OG1  . THR A 1 45 ? -7.585  -7.089  4.752   1.00 0.92 ? 45 THR A OG1  1 
ATOM 596 C CG2  . THR A 1 45 ? -6.519  -6.846  2.672   1.00 0.87 ? 45 THR A CG2  1 
ATOM 597 H H    . THR A 1 45 ? -6.977  -3.575  3.085   1.00 0.69 ? 45 THR A H    1 
ATOM 598 H HA   . THR A 1 45 ? -6.580  -5.125  5.565   1.00 0.69 ? 45 THR A HA   1 
ATOM 599 H HB   . THR A 1 45 ? -8.171  -5.644  3.394   1.00 0.78 ? 45 THR A HB   1 
ATOM 600 H HG1  . THR A 1 45 ? -8.540  -7.133  4.836   1.00 1.42 ? 45 THR A HG1  1 
ATOM 601 H HG21 . THR A 1 45 ? -6.016  -6.139  2.029   1.00 1.36 ? 45 THR A HG21 1 
ATOM 602 H HG22 . THR A 1 45 ? -5.790  -7.513  3.110   1.00 1.40 ? 45 THR A HG22 1 
ATOM 603 H HG23 . THR A 1 45 ? -7.217  -7.423  2.084   1.00 1.45 ? 45 THR A HG23 1 
ATOM 604 N N    . PRO A 1 46 ? -4.210  -6.118  5.080   1.00 0.57 ? 46 PRO A N    1 
ATOM 605 C CA   . PRO A 1 46 ? -2.789  -6.423  4.859   1.00 0.60 ? 46 PRO A CA   1 
ATOM 606 C C    . PRO A 1 46 ? -2.580  -7.049  3.478   1.00 0.58 ? 46 PRO A C    1 
ATOM 607 O O    . PRO A 1 46 ? -3.500  -7.127  2.688   1.00 0.88 ? 46 PRO A O    1 
ATOM 608 C CB   . PRO A 1 46 ? -2.413  -7.418  5.962   1.00 0.78 ? 46 PRO A CB   1 
ATOM 609 C CG   . PRO A 1 46 ? -3.681  -7.646  6.838   1.00 0.77 ? 46 PRO A CG   1 
ATOM 610 C CD   . PRO A 1 46 ? -4.790  -6.731  6.290   1.00 0.66 ? 46 PRO A CD   1 
ATOM 611 H HA   . PRO A 1 46 ? -2.199  -5.534  4.959   1.00 0.62 ? 46 PRO A HA   1 
ATOM 612 H HB2  . PRO A 1 46 ? -2.094  -8.352  5.524   1.00 0.83 ? 46 PRO A HB2  1 
ATOM 613 H HB3  . PRO A 1 46 ? -1.619  -7.012  6.565   1.00 0.93 ? 46 PRO A HB3  1 
ATOM 614 H HG2  . PRO A 1 46 ? -3.991  -8.678  6.777   1.00 0.78 ? 46 PRO A HG2  1 
ATOM 615 H HG3  . PRO A 1 46 ? -3.468  -7.392  7.866   1.00 0.88 ? 46 PRO A HG3  1 
ATOM 616 H HD2  . PRO A 1 46 ? -5.663  -7.304  6.039   1.00 0.63 ? 46 PRO A HD2  1 
ATOM 617 H HD3  . PRO A 1 46 ? -5.033  -5.968  7.015   1.00 0.75 ? 46 PRO A HD3  1 
ATOM 618 N N    . GLU A 1 47 ? -1.370  -7.473  3.215   1.00 0.65 ? 47 GLU A N    1 
ATOM 619 C CA   . GLU A 1 47 ? -1.078  -8.106  1.892   1.00 0.60 ? 47 GLU A CA   1 
ATOM 620 C C    . GLU A 1 47 ? -0.867  -9.636  2.087   1.00 0.74 ? 47 GLU A C    1 
ATOM 621 O O    . GLU A 1 47 ? 0.191   -10.051 2.520   1.00 1.21 ? 47 GLU A O    1 
ATOM 622 C CB   . GLU A 1 47 ? 0.215   -7.494  1.330   1.00 0.64 ? 47 GLU A CB   1 
ATOM 623 C CG   . GLU A 1 47 ? 0.410   -7.935  -0.136  1.00 0.95 ? 47 GLU A CG   1 
ATOM 624 C CD   . GLU A 1 47 ? 1.603   -8.890  -0.239  1.00 1.55 ? 47 GLU A CD   1 
ATOM 625 O OE1  . GLU A 1 47 ? 1.748   -9.679  0.682   1.00 2.15 ? 47 GLU A OE1  1 
ATOM 626 O OE2  . GLU A 1 47 ? 2.295   -8.780  -1.235  1.00 2.29 ? 47 GLU A OE2  1 
ATOM 627 H H    . GLU A 1 47 ? -0.656  -7.375  3.881   1.00 0.94 ? 47 GLU A H    1 
ATOM 628 H HA   . GLU A 1 47 ? -1.878  -7.905  1.221   1.00 0.64 ? 47 GLU A HA   1 
ATOM 629 H HB2  . GLU A 1 47 ? 0.150   -6.417  1.377   1.00 1.09 ? 47 GLU A HB2  1 
ATOM 630 H HB3  . GLU A 1 47 ? 1.056   -7.821  1.923   1.00 0.92 ? 47 GLU A HB3  1 
ATOM 631 H HG2  . GLU A 1 47 ? -0.475  -8.438  -0.493  1.00 1.57 ? 47 GLU A HG2  1 
ATOM 632 H HG3  . GLU A 1 47 ? 0.596   -7.068  -0.751  1.00 1.55 ? 47 GLU A HG3  1 
ATOM 633 N N    . PRO A 1 48 ? -1.871  -10.455 1.767   1.00 1.24 ? 48 PRO A N    1 
ATOM 634 C CA   . PRO A 1 48 ? -1.750  -11.913 1.952   1.00 1.45 ? 48 PRO A CA   1 
ATOM 635 C C    . PRO A 1 48 ? -0.594  -12.483 1.122   1.00 1.25 ? 48 PRO A C    1 
ATOM 636 O O    . PRO A 1 48 ? 0.214   -11.744 0.588   1.00 1.67 ? 48 PRO A O    1 
ATOM 637 C CB   . PRO A 1 48 ? -3.088  -12.499 1.489   1.00 2.42 ? 48 PRO A CB   1 
ATOM 638 C CG   . PRO A 1 48 ? -4.004  -11.305 1.090   1.00 2.91 ? 48 PRO A CG   1 
ATOM 639 C CD   . PRO A 1 48 ? -3.165  -10.020 1.203   1.00 2.08 ? 48 PRO A CD   1 
ATOM 640 H HA   . PRO A 1 48 ? -1.604  -12.137 2.992   1.00 1.78 ? 48 PRO A HA   1 
ATOM 641 H HB2  . PRO A 1 48 ? -2.931  -13.144 0.636   1.00 2.54 ? 48 PRO A HB2  1 
ATOM 642 H HB3  . PRO A 1 48 ? -3.542  -13.062 2.289   1.00 2.91 ? 48 PRO A HB3  1 
ATOM 643 H HG2  . PRO A 1 48 ? -4.353  -11.431 0.073   1.00 3.38 ? 48 PRO A HG2  1 
ATOM 644 H HG3  . PRO A 1 48 ? -4.853  -11.254 1.754   1.00 3.56 ? 48 PRO A HG3  1 
ATOM 645 H HD2  . PRO A 1 48 ? -3.020  -9.589  0.223   1.00 2.20 ? 48 PRO A HD2  1 
ATOM 646 H HD3  . PRO A 1 48 ? -3.643  -9.313  1.861   1.00 2.33 ? 48 PRO A HD3  1 
ATOM 647 N N    . GLN A 1 49 ? -0.543  -13.784 1.037   1.00 1.50 ? 49 GLN A N    1 
ATOM 648 C CA   . GLN A 1 49 ? 0.551   -14.435 0.258   1.00 2.05 ? 49 GLN A CA   1 
ATOM 649 C C    . GLN A 1 49 ? -0.019  -15.569 -0.600  1.00 2.33 ? 49 GLN A C    1 
ATOM 650 O O    . GLN A 1 49 ? -1.213  -15.792 -0.479  1.00 2.78 ? 49 GLN A O    1 
ATOM 651 C CB   . GLN A 1 49 ? 1.585   -15.006 1.230   1.00 2.70 ? 49 GLN A CB   1 
ATOM 652 C CG   . GLN A 1 49 ? 1.158   -14.689 2.668   1.00 2.93 ? 49 GLN A CG   1 
ATOM 653 C CD   . GLN A 1 49 ? 2.196   -15.246 3.641   1.00 3.77 ? 49 GLN A CD   1 
ATOM 654 O OE1  . GLN A 1 49 ? 3.387   -15.100 3.445   1.00 4.40 ? 49 GLN A OE1  1 
ATOM 655 N NE2  . GLN A 1 49 ? 1.790   -15.888 4.702   1.00 4.18 ? 49 GLN A NE2  1 
ATOM 656 H H    . GLN A 1 49 ? -1.222  -14.332 1.485   1.00 1.77 ? 49 GLN A H    1 
ATOM 657 H HA   . GLN A 1 49 ? 1.022   -13.710 -0.380  1.00 2.42 ? 49 GLN A HA   1 
ATOM 658 H HB2  . GLN A 1 49 ? 1.653   -16.076 1.100   1.00 3.02 ? 49 GLN A HB2  1 
ATOM 659 H HB3  . GLN A 1 49 ? 2.549   -14.563 1.031   1.00 3.31 ? 49 GLN A HB3  1 
ATOM 660 H HG2  . GLN A 1 49 ? 1.085   -13.618 2.799   1.00 3.19 ? 49 GLN A HG2  1 
ATOM 661 H HG3  . GLN A 1 49 ? 0.198   -15.139 2.874   1.00 2.93 ? 49 GLN A HG3  1 
ATOM 662 H HE21 . GLN A 1 49 ? 0.830   -16.006 4.864   1.00 4.50 ? 49 GLN A HE21 1 
ATOM 663 H HE22 . GLN A 1 49 ? 2.443   -16.251 5.335   1.00 4.46 ? 49 GLN A HE22 1 
# 
